data_8F0R
#
_entry.id   8F0R
#
_cell.length_a   1.00
_cell.length_b   1.00
_cell.length_c   1.00
_cell.angle_alpha   90.00
_cell.angle_beta   90.00
_cell.angle_gamma   90.00
#
_symmetry.space_group_name_H-M   'P 1'
#
loop_
_entity.id
_entity.type
_entity.pdbx_description
1 polymer 'Sodium channel protein PaFPC1,Sodium channel protein type 9 subunit alpha chimera'
2 branched beta-D-mannopyranose-(1-3)-[beta-D-mannopyranose-(1-6)]beta-D-mannopyranose-(1-3)-2-acetamido-2-deoxy-beta-D-glucopyranose-(1-3)-2-acetamido-2-deoxy-beta-D-glucopyranose
3 non-polymer 2-acetamido-2-deoxy-beta-D-glucopyranose
4 non-polymer 5-chloro-4-({(1S,2S,4S)-2-(dimethylamino)-4-[3-(trifluoromethyl)phenyl]cyclohexyl}amino)-2-fluoro-N-(pyrimidin-4-yl)benzene-1-sulfonamide
5 non-polymer 1,2-dioleoyl-sn-glycero-3-phosphoethanolamine
6 non-polymer 'CHOLESTEROL HEMISUCCINATE'
#
_entity_poly.entity_id   1
_entity_poly.type   'polypeptide(L)'
_entity_poly.pdbx_seq_one_letter_code
;MWSHPQFEKGGGSGGGSGGSAWSHPQFEKGGSGGDYKDDDDKGGSGGDYKDDDDKMADNSPLIREERQRLFRPYTRAMLT
APSAQPAKENGKTEENKDNSRDKGRGANKDRDGSAHPDQALEQGSRLPARMRNIFPAELASTPLEDFDPFYKNKKTFVVV
TKAGDIFRFSGEKSLWMLDPFTPIRRVAISTMVQPIFSYFIMITILIHCIFMIMPATQTTYILELVFLSIYTIEVVVKVL
ARGFILHPFAYLRDPWNWLDFLVTLIGYITLVVDLGHLYALRAFRVLRSWRTVTIVPGWRTIVDALSLSITSLKDLVLLL
LFSLSVFALIGLQLFMGNLKHKCVKHFPADGSWGNFTDERWFNYTSNSSHWYIPDDWIEYPLCGNSSGAGMCPPGYTCLQ
GYGGNPNYGYTSFDTFGWAFLSVFRLVTLDYWEDLYQLALRSAGPWHILFFIIVVFYGTFCFLNFILAVVVMSYTHMVKR
ADEEKAAERELKKEKKAASVANNTANGQEQTTIEMNGDEAVVIDNNDQAARQQSDPETPAPSVTQRLTDFLCVWDCCVPW
QKLQGAIGAVVLSPFFELFIAVIIVLNITFMALDHHDMNIEFERILRTGNYIFTSIYIVEAVLKIIALSPKFYFKDSWNV
FDFIIVVFAILELGLEGVQGLSVFRSFRLLRVFRLAKFWPTLNNFMSVMTKSYGAFVNVMYVMFLLLFIFAIIGMQLFGM
NYIDNMERFPDGDLPRWNFTDFLHSFMIVFRALCGEWIESMWDCMLVGDWSCIPFFVAVFFVGNLVILNLLIALLLNNYG
SFCTSPTSDEEDSKDEDALAQIVRIFKRFKPNLNAVKLSPMKPDSEDIVESQEIQGNNIADAEDVLAGEFPPDCCCNAFY
KCFPSRPARDSSVQRMWSNIRRVCFLLAKNKYFQKFVTAVLVITSVLLALEDIYLPQRPVLVNITLYVDYVLTAFFVIEM
IIMLFAVGFKKYFTSKWYWLDFIVVVAYLLNFVLMCAGIEALQTLRLLRVFRLFRPLSKVNGMQVVTSTLVEAVPHIFNV
ILVGIFFWLVFAIMGVQLFAGKFYKCVDENSTVLSHEITMDRNDCLHENYTWENSPMNFDHVGNAYLSLLQVATFKGWLQ
IMNDAIDSREVHKQPIRETNIYMYLYFIFFIVFGSFFILKLFVCILIDIFRQQRRKAEGLSATDSRTQLIYRRAVMRTMS
AKPVKRIPKPGNKIQGCIFDLVTNQAFDISIMVLICLNMVTMMVEKEGQSQHMTEVLYWINVVFIILFTGECVLKLISLR
HYYFTVGWNIFDFVVVIISIVGMFLADLIETYFVSPTLFRVIRLARIGRILRLVKGAKGIRLLLLALRKALRTLFNVSFL
LFVIMFVYAVFGMEFFMHIRDAGAIDDVYNFKTFGQSIILLFQLATSAGWDGVYFAIANEEDCRAPDHELGYPGNCGSRA
LGIAYLVSYLIITCLVVINMYAAVILDYVLEVYEDSKEGLTDDDYDMFFEVWQQFDPEATQYIRYDQLSELLEALQPPLQ
VQKPNKYKILSMNIPICKDDHIFYKDVLEALVKDVFSRRGSPVEAGDVQAPNVDEAEYKPVSSTLQRQREEYCVRLIQNA
WRKHKQQN
;
_entity_poly.pdbx_strand_id   A
#
loop_
_chem_comp.id
_chem_comp.type
_chem_comp.name
_chem_comp.formula
BMA D-saccharide, beta linking beta-D-mannopyranose 'C6 H12 O6'
NAG D-saccharide, beta linking 2-acetamido-2-deoxy-beta-D-glucopyranose 'C8 H15 N O6'
PEE non-polymer 1,2-dioleoyl-sn-glycero-3-phosphoethanolamine 'C41 H78 N O8 P'
X7W non-polymer 5-chloro-4-({(1S,2S,4S)-2-(dimethylamino)-4-[3-(trifluoromethyl)phenyl]cyclohexyl}amino)-2-fluoro-N-(pyrimidin-4-yl)benzene-1-sulfonamide 'C25 H26 Cl F4 N5 O2 S'
Y01 non-polymer 'CHOLESTEROL HEMISUCCINATE' 'C31 H50 O4'
#
# COMPACT_ATOMS: atom_id res chain seq x y z
N ILE A 184 -49.52 25.40 -22.25
CA ILE A 184 -48.18 24.98 -22.59
C ILE A 184 -47.28 25.00 -21.35
N ARG A 185 -47.07 26.21 -20.81
CA ARG A 185 -46.26 26.34 -19.60
C ARG A 185 -46.88 25.59 -18.43
N ARG A 186 -48.21 25.74 -18.27
CA ARG A 186 -48.91 25.01 -17.22
C ARG A 186 -48.75 23.50 -17.39
N VAL A 187 -48.91 23.02 -18.62
CA VAL A 187 -48.78 21.59 -18.89
C VAL A 187 -47.35 21.13 -18.59
N ALA A 188 -46.36 21.92 -18.99
CA ALA A 188 -44.97 21.54 -18.75
C ALA A 188 -44.69 21.44 -17.25
N ILE A 189 -45.12 22.44 -16.48
CA ILE A 189 -44.87 22.43 -15.03
C ILE A 189 -45.58 21.25 -14.39
N SER A 190 -46.85 21.01 -14.77
CA SER A 190 -47.59 19.91 -14.18
C SER A 190 -46.93 18.57 -14.49
N THR A 191 -46.47 18.39 -15.74
CA THR A 191 -45.79 17.15 -16.09
C THR A 191 -44.50 16.99 -15.30
N MET A 192 -43.72 18.06 -15.15
CA MET A 192 -42.44 17.93 -14.44
C MET A 192 -42.65 17.59 -12.98
N VAL A 193 -43.61 18.24 -12.32
CA VAL A 193 -43.76 18.04 -10.88
C VAL A 193 -44.21 16.64 -10.52
N GLN A 194 -44.89 15.95 -11.42
CA GLN A 194 -45.40 14.63 -11.07
C GLN A 194 -44.25 13.66 -10.86
N PRO A 195 -44.22 12.91 -9.76
CA PRO A 195 -43.12 11.95 -9.56
C PRO A 195 -43.08 10.85 -10.62
N ILE A 196 -44.20 10.57 -11.28
CA ILE A 196 -44.21 9.51 -12.27
C ILE A 196 -43.25 9.83 -13.42
N PHE A 197 -43.12 11.11 -13.77
CA PHE A 197 -42.18 11.50 -14.81
C PHE A 197 -40.76 11.09 -14.44
N SER A 198 -40.31 11.46 -13.24
CA SER A 198 -38.97 11.11 -12.81
C SER A 198 -38.80 9.60 -12.70
N TYR A 199 -39.82 8.91 -12.18
CA TYR A 199 -39.73 7.46 -12.08
C TYR A 199 -39.57 6.81 -13.45
N PHE A 200 -40.37 7.26 -14.43
CA PHE A 200 -40.27 6.71 -15.77
C PHE A 200 -38.90 6.98 -16.38
N ILE A 201 -38.38 8.20 -16.20
CA ILE A 201 -37.05 8.50 -16.72
C ILE A 201 -36.01 7.60 -16.08
N MET A 202 -36.12 7.37 -14.77
CA MET A 202 -35.15 6.54 -14.08
C MET A 202 -35.22 5.09 -14.57
N ILE A 203 -36.43 4.55 -14.77
CA ILE A 203 -36.55 3.20 -15.28
C ILE A 203 -35.97 3.12 -16.69
N THR A 204 -36.21 4.15 -17.52
CA THR A 204 -35.62 4.16 -18.84
C THR A 204 -34.10 4.13 -18.75
N ILE A 205 -33.53 4.90 -17.84
CA ILE A 205 -32.08 4.90 -17.66
C ILE A 205 -31.59 3.52 -17.24
N LEU A 206 -32.30 2.87 -16.33
CA LEU A 206 -31.86 1.55 -15.88
C LEU A 206 -31.90 0.52 -17.00
N ILE A 207 -32.96 0.52 -17.82
CA ILE A 207 -32.99 -0.40 -18.96
C ILE A 207 -31.89 -0.08 -19.95
N HIS A 208 -31.62 1.21 -20.19
CA HIS A 208 -30.52 1.56 -21.08
C HIS A 208 -29.19 1.04 -20.54
N CYS A 209 -28.97 1.17 -19.23
CA CYS A 209 -27.74 0.66 -18.64
C CYS A 209 -27.65 -0.86 -18.80
N ILE A 210 -28.77 -1.57 -18.58
CA ILE A 210 -28.76 -3.02 -18.74
C ILE A 210 -28.43 -3.40 -20.18
N PHE A 211 -29.03 -2.69 -21.15
CA PHE A 211 -28.79 -3.00 -22.55
C PHE A 211 -27.35 -2.67 -22.95
N MET A 212 -26.73 -1.68 -22.29
CA MET A 212 -25.37 -1.31 -22.61
C MET A 212 -24.40 -2.47 -22.40
N ILE A 213 -24.66 -3.30 -21.39
CA ILE A 213 -23.77 -4.41 -21.08
C ILE A 213 -23.75 -5.41 -22.22
N MET A 214 -24.92 -5.75 -22.74
CA MET A 214 -25.03 -6.75 -23.78
C MET A 214 -24.40 -6.23 -25.07
N PRO A 215 -23.97 -7.13 -25.95
CA PRO A 215 -23.31 -6.69 -27.18
C PRO A 215 -24.30 -6.05 -28.14
N ALA A 216 -23.81 -5.08 -28.91
CA ALA A 216 -24.66 -4.33 -29.82
C ALA A 216 -25.20 -5.22 -30.94
N THR A 217 -26.46 -5.01 -31.30
CA THR A 217 -27.09 -5.70 -32.41
C THR A 217 -28.05 -4.73 -33.09
N GLN A 218 -28.80 -5.22 -34.07
CA GLN A 218 -29.73 -4.36 -34.80
C GLN A 218 -30.80 -3.80 -33.87
N THR A 219 -31.35 -4.63 -32.98
CA THR A 219 -32.37 -4.15 -32.06
C THR A 219 -31.84 -3.04 -31.16
N THR A 220 -30.57 -3.10 -30.79
CA THR A 220 -29.99 -2.08 -29.93
C THR A 220 -30.04 -0.71 -30.58
N TYR A 221 -29.92 -0.64 -31.90
CA TYR A 221 -30.00 0.65 -32.58
C TYR A 221 -31.37 1.30 -32.37
N ILE A 222 -32.43 0.53 -32.58
CA ILE A 222 -33.78 1.07 -32.39
C ILE A 222 -34.02 1.38 -30.93
N LEU A 223 -33.50 0.55 -30.02
CA LEU A 223 -33.64 0.85 -28.60
C LEU A 223 -32.96 2.16 -28.24
N GLU A 224 -31.75 2.39 -28.78
CA GLU A 224 -31.07 3.65 -28.55
C GLU A 224 -31.88 4.82 -29.10
N LEU A 225 -32.46 4.64 -30.29
CA LEU A 225 -33.28 5.72 -30.86
C LEU A 225 -34.47 6.04 -29.97
N VAL A 226 -35.13 5.01 -29.44
CA VAL A 226 -36.29 5.24 -28.56
C VAL A 226 -35.85 5.94 -27.28
N PHE A 227 -34.74 5.50 -26.69
CA PHE A 227 -34.25 6.15 -25.48
C PHE A 227 -33.91 7.61 -25.75
N LEU A 228 -33.27 7.89 -26.89
CA LEU A 228 -32.92 9.26 -27.24
C LEU A 228 -34.16 10.11 -27.42
N SER A 229 -35.21 9.55 -28.05
CA SER A 229 -36.47 10.29 -28.18
C SER A 229 -37.07 10.61 -26.83
N ILE A 230 -37.05 9.64 -25.91
CA ILE A 230 -37.58 9.87 -24.56
C ILE A 230 -36.80 10.99 -23.88
N TYR A 231 -35.46 10.93 -23.98
CA TYR A 231 -34.64 11.95 -23.34
C TYR A 231 -34.90 13.33 -23.96
N THR A 232 -35.11 13.38 -25.27
CA THR A 232 -35.41 14.66 -25.92
C THR A 232 -36.75 15.21 -25.43
N ILE A 233 -37.75 14.35 -25.29
CA ILE A 233 -39.02 14.81 -24.72
C ILE A 233 -38.80 15.36 -23.32
N GLU A 234 -38.00 14.68 -22.50
CA GLU A 234 -37.75 15.16 -21.15
C GLU A 234 -37.10 16.54 -21.17
N VAL A 235 -36.09 16.71 -22.04
CA VAL A 235 -35.41 18.01 -22.12
C VAL A 235 -36.37 19.11 -22.58
N VAL A 236 -37.19 18.81 -23.59
CA VAL A 236 -38.15 19.81 -24.08
C VAL A 236 -39.12 20.19 -22.98
N VAL A 237 -39.64 19.21 -22.24
CA VAL A 237 -40.61 19.50 -21.20
C VAL A 237 -39.98 20.39 -20.13
N LYS A 238 -38.76 20.05 -19.71
CA LYS A 238 -38.10 20.84 -18.68
C LYS A 238 -37.83 22.27 -19.16
N VAL A 239 -37.32 22.42 -20.40
CA VAL A 239 -36.98 23.75 -20.88
C VAL A 239 -38.23 24.60 -21.05
N LEU A 240 -39.33 24.02 -21.53
CA LEU A 240 -40.57 24.77 -21.61
C LEU A 240 -41.06 25.17 -20.22
N ALA A 241 -40.94 24.27 -19.25
CA ALA A 241 -41.38 24.58 -17.90
C ALA A 241 -40.58 25.72 -17.28
N ARG A 242 -39.25 25.73 -17.47
CA ARG A 242 -38.38 26.68 -16.79
C ARG A 242 -37.85 27.76 -17.72
N GLY A 243 -37.10 27.39 -18.76
CA GLY A 243 -36.36 28.35 -19.55
C GLY A 243 -34.91 27.98 -19.72
N PHE A 244 -34.22 28.59 -20.68
CA PHE A 244 -32.97 28.02 -21.19
C PHE A 244 -31.75 28.46 -20.36
N ILE A 245 -31.44 29.76 -20.29
CA ILE A 245 -30.51 30.23 -19.24
C ILE A 245 -31.01 31.52 -18.61
N LEU A 246 -31.89 32.24 -19.30
CA LEU A 246 -32.02 33.69 -19.11
C LEU A 246 -32.67 34.12 -17.78
N HIS A 247 -32.86 33.27 -16.77
CA HIS A 247 -33.34 33.73 -15.48
C HIS A 247 -32.69 32.87 -14.40
N PRO A 248 -32.70 33.32 -13.14
CA PRO A 248 -31.91 32.62 -12.11
C PRO A 248 -32.25 31.16 -11.95
N PHE A 249 -33.50 30.76 -12.21
CA PHE A 249 -33.95 29.38 -12.04
C PHE A 249 -34.28 28.72 -13.38
N ALA A 250 -33.41 28.92 -14.37
CA ALA A 250 -33.62 28.35 -15.69
C ALA A 250 -33.19 26.89 -15.73
N TYR A 251 -33.36 26.27 -16.90
CA TYR A 251 -33.08 24.85 -17.04
C TYR A 251 -31.60 24.56 -16.83
N LEU A 252 -30.71 25.38 -17.39
CA LEU A 252 -29.28 25.13 -17.35
C LEU A 252 -28.62 25.81 -16.15
N ARG A 253 -29.35 26.07 -15.08
CA ARG A 253 -28.79 26.53 -13.83
C ARG A 253 -28.56 25.40 -12.84
N ASP A 254 -28.69 24.15 -13.28
CA ASP A 254 -28.49 22.98 -12.44
C ASP A 254 -27.47 22.08 -13.11
N PRO A 255 -26.40 21.68 -12.41
CA PRO A 255 -25.41 20.80 -13.06
C PRO A 255 -26.00 19.51 -13.61
N TRP A 256 -27.01 18.94 -12.94
CA TRP A 256 -27.62 17.73 -13.47
C TRP A 256 -28.27 18.00 -14.83
N ASN A 257 -28.96 19.13 -14.96
CA ASN A 257 -29.54 19.49 -16.25
C ASN A 257 -28.45 19.70 -17.29
N TRP A 258 -27.33 20.28 -16.90
CA TRP A 258 -26.20 20.44 -17.82
C TRP A 258 -25.72 19.08 -18.30
N LEU A 259 -25.55 18.13 -17.39
CA LEU A 259 -25.08 16.81 -17.76
C LEU A 259 -26.06 16.16 -18.74
N ASP A 260 -27.36 16.22 -18.44
CA ASP A 260 -28.35 15.63 -19.34
C ASP A 260 -28.29 16.28 -20.72
N PHE A 261 -28.18 17.60 -20.76
CA PHE A 261 -28.17 18.30 -22.05
C PHE A 261 -26.95 17.91 -22.88
N LEU A 262 -25.77 17.86 -22.24
CA LEU A 262 -24.57 17.46 -22.97
C LEU A 262 -24.66 16.03 -23.47
N VAL A 263 -25.16 15.11 -22.64
CA VAL A 263 -25.28 13.72 -23.12
C VAL A 263 -26.24 13.64 -24.30
N THR A 264 -27.37 14.36 -24.22
CA THR A 264 -28.31 14.33 -25.34
C THR A 264 -27.70 14.89 -26.62
N LEU A 265 -26.94 15.99 -26.50
CA LEU A 265 -26.30 16.55 -27.68
C LEU A 265 -25.26 15.59 -28.26
N ILE A 266 -24.48 14.93 -27.39
CA ILE A 266 -23.52 13.96 -27.89
C ILE A 266 -24.25 12.83 -28.61
N GLY A 267 -25.38 12.38 -28.05
CA GLY A 267 -26.17 11.35 -28.70
C GLY A 267 -26.59 11.76 -30.10
N TYR A 268 -27.08 12.99 -30.24
CA TYR A 268 -27.52 13.43 -31.56
C TYR A 268 -26.35 13.65 -32.52
N ILE A 269 -25.21 14.11 -32.01
CA ILE A 269 -24.03 14.26 -32.87
C ILE A 269 -23.59 12.90 -33.41
N THR A 270 -23.56 11.88 -32.54
CA THR A 270 -23.21 10.54 -33.02
C THR A 270 -24.27 9.99 -33.95
N LEU A 271 -25.54 10.33 -33.73
CA LEU A 271 -26.59 9.89 -34.65
C LEU A 271 -26.39 10.49 -36.04
N VAL A 272 -26.04 11.77 -36.10
CA VAL A 272 -25.90 12.45 -37.39
C VAL A 272 -24.78 11.82 -38.20
N VAL A 273 -23.63 11.62 -37.58
CA VAL A 273 -22.46 11.08 -38.27
C VAL A 273 -22.25 9.63 -37.88
N LEU A 278 -16.56 11.62 -34.07
CA LEU A 278 -15.74 10.42 -33.90
C LEU A 278 -16.46 9.42 -32.98
N TYR A 279 -16.01 8.18 -32.98
CA TYR A 279 -16.61 7.13 -32.16
C TYR A 279 -16.13 7.16 -30.72
N ALA A 280 -15.23 8.08 -30.37
CA ALA A 280 -14.77 8.21 -28.98
C ALA A 280 -15.70 9.06 -28.13
N LEU A 281 -16.77 9.61 -28.70
CA LEU A 281 -17.73 10.41 -27.95
C LEU A 281 -18.99 9.64 -27.59
N ARG A 282 -19.28 8.54 -28.29
CA ARG A 282 -20.40 7.68 -27.92
C ARG A 282 -20.12 6.85 -26.68
N ALA A 283 -18.86 6.78 -26.22
CA ALA A 283 -18.54 6.03 -25.03
C ALA A 283 -19.08 6.68 -23.76
N PHE A 284 -19.28 7.99 -23.77
CA PHE A 284 -19.56 8.73 -22.54
C PHE A 284 -21.05 8.90 -22.25
N ARG A 285 -21.93 8.35 -23.09
CA ARG A 285 -23.36 8.41 -22.78
C ARG A 285 -23.68 7.71 -21.47
N VAL A 286 -22.79 6.81 -21.03
CA VAL A 286 -23.01 6.10 -19.79
C VAL A 286 -22.96 7.05 -18.60
N LEU A 287 -22.47 8.27 -18.82
CA LEU A 287 -22.44 9.24 -17.73
C LEU A 287 -23.85 9.49 -17.21
N ARG A 288 -24.87 9.36 -18.08
CA ARG A 288 -26.23 9.57 -17.60
C ARG A 288 -26.55 8.65 -16.43
N SER A 289 -25.95 7.46 -16.39
CA SER A 289 -26.23 6.51 -15.31
C SER A 289 -25.92 7.09 -13.94
N TRP A 290 -25.07 8.11 -13.89
CA TRP A 290 -24.77 8.75 -12.60
C TRP A 290 -26.05 9.18 -11.89
N ARG A 291 -27.06 9.60 -12.65
CA ARG A 291 -28.29 10.07 -12.01
C ARG A 291 -28.90 9.01 -11.10
N THR A 292 -28.67 7.73 -11.39
CA THR A 292 -29.25 6.67 -10.57
C THR A 292 -28.84 6.78 -9.11
N VAL A 293 -27.72 7.45 -8.82
CA VAL A 293 -27.25 7.60 -7.46
C VAL A 293 -28.34 8.21 -6.59
N THR A 294 -29.25 8.95 -7.20
CA THR A 294 -30.28 9.65 -6.43
C THR A 294 -31.31 8.70 -5.82
N ILE A 295 -31.34 7.43 -6.24
CA ILE A 295 -32.38 6.53 -5.76
C ILE A 295 -32.15 6.16 -4.30
N VAL A 296 -30.91 5.83 -3.93
CA VAL A 296 -30.63 5.29 -2.60
C VAL A 296 -30.81 6.40 -1.57
N PRO A 297 -31.69 6.23 -0.58
CA PRO A 297 -31.94 7.33 0.36
C PRO A 297 -30.67 7.73 1.12
N GLY A 298 -30.56 9.03 1.41
CA GLY A 298 -29.40 9.55 2.09
C GLY A 298 -28.22 9.86 1.21
N TRP A 299 -28.40 9.93 -0.11
CA TRP A 299 -27.26 10.15 -1.00
C TRP A 299 -26.72 11.58 -0.90
N ARG A 300 -27.51 12.51 -0.36
CA ARG A 300 -27.06 13.89 -0.20
C ARG A 300 -25.72 13.95 0.52
N THR A 301 -25.61 13.26 1.66
CA THR A 301 -24.40 13.35 2.47
C THR A 301 -23.19 12.85 1.69
N ILE A 302 -23.32 11.69 1.06
CA ILE A 302 -22.17 11.10 0.37
C ILE A 302 -21.76 11.96 -0.81
N VAL A 303 -22.73 12.44 -1.61
CA VAL A 303 -22.39 13.26 -2.76
C VAL A 303 -21.75 14.58 -2.32
N ASP A 304 -22.30 15.19 -1.27
CA ASP A 304 -21.72 16.44 -0.78
C ASP A 304 -20.31 16.22 -0.25
N ALA A 305 -20.08 15.12 0.47
CA ALA A 305 -18.74 14.83 0.96
C ALA A 305 -17.77 14.62 -0.19
N LEU A 306 -18.20 13.89 -1.23
CA LEU A 306 -17.34 13.69 -2.39
C LEU A 306 -16.99 15.02 -3.05
N SER A 307 -18.00 15.87 -3.24
CA SER A 307 -17.76 17.17 -3.87
C SER A 307 -16.82 18.03 -3.03
N LEU A 308 -17.02 18.03 -1.71
CA LEU A 308 -16.16 18.83 -0.84
C LEU A 308 -14.74 18.33 -0.86
N SER A 309 -14.55 17.01 -0.86
CA SER A 309 -13.20 16.46 -0.94
C SER A 309 -12.53 16.86 -2.25
N ILE A 310 -13.25 16.75 -3.36
CA ILE A 310 -12.68 17.14 -4.65
C ILE A 310 -12.30 18.60 -4.63
N THR A 311 -13.16 19.46 -4.08
CA THR A 311 -12.87 20.88 -4.02
C THR A 311 -11.66 21.17 -3.15
N SER A 312 -11.54 20.46 -2.01
CA SER A 312 -10.47 20.72 -1.07
C SER A 312 -9.12 20.16 -1.52
N LEU A 313 -9.12 19.22 -2.47
CA LEU A 313 -7.83 18.73 -2.97
C LEU A 313 -7.07 19.78 -3.80
N LYS A 314 -7.61 21.00 -3.94
CA LYS A 314 -6.93 22.03 -4.73
C LYS A 314 -5.59 22.39 -4.13
N ASP A 315 -5.54 22.60 -2.81
CA ASP A 315 -4.27 22.93 -2.18
C ASP A 315 -3.27 21.78 -2.29
N LEU A 316 -3.76 20.55 -2.33
CA LEU A 316 -2.89 19.37 -2.35
C LEU A 316 -2.33 19.09 -3.73
N VAL A 317 -3.08 19.35 -4.79
CA VAL A 317 -2.61 18.97 -6.12
C VAL A 317 -1.33 19.71 -6.48
N LEU A 318 -1.23 20.98 -6.12
CA LEU A 318 -0.04 21.76 -6.48
C LEU A 318 1.19 21.21 -5.78
N LEU A 319 1.08 20.92 -4.49
CA LEU A 319 2.20 20.33 -3.76
C LEU A 319 2.54 18.96 -4.33
N LEU A 320 1.53 18.18 -4.70
CA LEU A 320 1.77 16.90 -5.33
C LEU A 320 2.62 17.07 -6.59
N LEU A 321 2.23 18.00 -7.46
CA LEU A 321 2.95 18.20 -8.71
C LEU A 321 4.38 18.66 -8.44
N PHE A 322 4.56 19.58 -7.49
CA PHE A 322 5.90 20.08 -7.21
C PHE A 322 6.80 18.95 -6.68
N SER A 323 6.31 18.18 -5.71
CA SER A 323 7.12 17.11 -5.15
C SER A 323 7.41 16.04 -6.19
N LEU A 324 6.42 15.69 -7.01
CA LEU A 324 6.64 14.69 -8.04
C LEU A 324 7.68 15.16 -9.05
N SER A 325 7.63 16.45 -9.43
CA SER A 325 8.60 16.98 -10.36
C SER A 325 10.01 16.96 -9.76
N VAL A 326 10.13 17.32 -8.48
CA VAL A 326 11.45 17.31 -7.84
C VAL A 326 12.00 15.89 -7.80
N PHE A 327 11.18 14.93 -7.39
CA PHE A 327 11.62 13.55 -7.32
C PHE A 327 11.96 13.02 -8.71
N ALA A 328 11.19 13.41 -9.72
CA ALA A 328 11.48 12.97 -11.09
C ALA A 328 12.81 13.53 -11.57
N LEU A 329 13.10 14.79 -11.24
CA LEU A 329 14.39 15.37 -11.60
C LEU A 329 15.53 14.62 -10.90
N ILE A 330 15.34 14.29 -9.62
CA ILE A 330 16.38 13.54 -8.90
C ILE A 330 16.60 12.18 -9.54
N GLY A 331 15.51 11.48 -9.88
CA GLY A 331 15.63 10.18 -10.50
C GLY A 331 16.27 10.25 -11.87
N LEU A 332 15.94 11.28 -12.65
CA LEU A 332 16.57 11.48 -13.94
C LEU A 332 18.08 11.71 -13.78
N GLN A 333 18.46 12.48 -12.76
CA GLN A 333 19.87 12.74 -12.52
C GLN A 333 20.60 11.49 -12.02
N LEU A 334 19.89 10.60 -11.33
CA LEU A 334 20.55 9.43 -10.72
C LEU A 334 20.62 8.22 -11.65
N PHE A 335 19.50 7.85 -12.28
CA PHE A 335 19.37 6.57 -12.96
C PHE A 335 19.29 6.70 -14.47
N MET A 336 19.73 7.82 -15.03
CA MET A 336 19.63 8.03 -16.47
C MET A 336 20.46 6.98 -17.21
N GLY A 337 19.79 6.15 -18.00
CA GLY A 337 20.45 5.17 -18.83
C GLY A 337 20.90 3.91 -18.12
N ASN A 338 20.62 3.78 -16.81
CA ASN A 338 21.08 2.62 -16.07
C ASN A 338 20.28 1.37 -16.43
N LEU A 339 19.03 1.53 -16.88
CA LEU A 339 18.18 0.39 -17.18
C LEU A 339 18.46 -0.20 -18.56
N LYS A 340 19.36 0.40 -19.33
CA LYS A 340 19.79 -0.17 -20.61
C LYS A 340 20.98 -1.10 -20.48
N HIS A 341 21.52 -1.28 -19.27
CA HIS A 341 22.67 -2.14 -19.08
C HIS A 341 22.35 -3.57 -19.49
N LYS A 342 23.27 -4.20 -20.22
CA LYS A 342 23.08 -5.58 -20.65
C LYS A 342 24.43 -6.29 -20.65
N CYS A 343 24.35 -7.62 -20.54
CA CYS A 343 25.54 -8.47 -20.57
C CYS A 343 25.79 -8.88 -22.02
N VAL A 344 26.88 -8.39 -22.60
CA VAL A 344 27.21 -8.63 -24.00
C VAL A 344 28.42 -9.55 -24.06
N LYS A 345 28.36 -10.56 -24.93
CA LYS A 345 29.45 -11.52 -25.05
C LYS A 345 30.71 -10.82 -25.57
N HIS A 346 31.87 -11.28 -25.08
CA HIS A 346 33.14 -10.71 -25.49
C HIS A 346 33.42 -11.01 -26.96
N PHE A 347 34.19 -10.14 -27.58
CA PHE A 347 34.54 -10.32 -28.99
C PHE A 347 35.34 -11.60 -29.16
N PRO A 348 34.92 -12.52 -30.03
CA PRO A 348 35.68 -13.77 -30.19
C PRO A 348 37.09 -13.50 -30.70
N ALA A 349 38.05 -14.24 -30.15
CA ALA A 349 39.44 -14.16 -30.56
C ALA A 349 39.84 -15.23 -31.57
N ASP A 350 38.93 -16.16 -31.88
CA ASP A 350 39.25 -17.24 -32.81
C ASP A 350 39.21 -16.79 -34.27
N GLY A 351 38.71 -15.59 -34.55
CA GLY A 351 38.59 -15.12 -35.92
C GLY A 351 37.31 -15.52 -36.61
N SER A 352 36.31 -16.03 -35.89
CA SER A 352 35.05 -16.38 -36.51
C SER A 352 34.37 -15.16 -37.10
N TRP A 353 34.42 -14.02 -36.40
CA TRP A 353 33.83 -12.78 -36.87
C TRP A 353 34.78 -11.93 -37.69
N GLY A 354 36.00 -12.40 -37.91
CA GLY A 354 37.00 -11.66 -38.66
C GLY A 354 37.94 -10.88 -37.75
N ASN A 355 38.95 -10.28 -38.40
CA ASN A 355 39.95 -9.51 -37.67
C ASN A 355 39.29 -8.34 -36.96
N PHE A 356 39.79 -8.03 -35.77
CA PHE A 356 39.17 -7.00 -34.95
C PHE A 356 39.22 -5.65 -35.66
N THR A 357 38.08 -4.95 -35.66
CA THR A 357 38.02 -3.56 -36.07
C THR A 357 36.94 -2.89 -35.23
N ASP A 358 37.01 -1.55 -35.18
CA ASP A 358 36.01 -0.81 -34.43
C ASP A 358 34.62 -1.06 -34.99
N GLU A 359 34.47 -1.00 -36.31
CA GLU A 359 33.18 -1.24 -36.92
C GLU A 359 32.73 -2.68 -36.73
N ARG A 360 33.67 -3.63 -36.85
CA ARG A 360 33.32 -5.03 -36.62
C ARG A 360 32.89 -5.26 -35.18
N TRP A 361 33.60 -4.66 -34.22
CA TRP A 361 33.23 -4.81 -32.82
C TRP A 361 31.85 -4.21 -32.54
N PHE A 362 31.57 -3.03 -33.10
CA PHE A 362 30.25 -2.44 -32.93
C PHE A 362 29.17 -3.34 -33.55
N ASN A 363 29.41 -3.82 -34.76
CA ASN A 363 28.48 -4.74 -35.42
C ASN A 363 28.19 -5.95 -34.53
N TYR A 364 29.24 -6.54 -33.98
CA TYR A 364 29.07 -7.73 -33.14
C TYR A 364 28.26 -7.41 -31.89
N THR A 365 28.66 -6.37 -31.16
CA THR A 365 27.99 -6.07 -29.90
C THR A 365 26.55 -5.61 -30.10
N SER A 366 26.25 -5.01 -31.25
CA SER A 366 24.89 -4.54 -31.53
C SER A 366 23.94 -5.68 -31.82
N ASN A 367 24.45 -6.87 -32.13
CA ASN A 367 23.58 -8.00 -32.42
C ASN A 367 22.89 -8.47 -31.14
N SER A 368 21.57 -8.65 -31.21
CA SER A 368 20.82 -9.04 -30.04
C SER A 368 21.08 -10.48 -29.62
N SER A 369 21.55 -11.33 -30.54
CA SER A 369 21.79 -12.73 -30.23
C SER A 369 23.00 -12.93 -29.34
N HIS A 370 23.84 -11.91 -29.14
CA HIS A 370 25.02 -12.00 -28.29
C HIS A 370 24.79 -11.44 -26.90
N TRP A 371 23.55 -11.08 -26.56
CA TRP A 371 23.22 -10.59 -25.23
C TRP A 371 22.76 -11.74 -24.36
N TYR A 372 23.33 -11.86 -23.16
CA TYR A 372 22.96 -12.95 -22.26
C TYR A 372 21.50 -12.83 -21.85
N ILE A 373 20.80 -13.97 -21.90
CA ILE A 373 19.42 -14.04 -21.42
C ILE A 373 19.12 -15.50 -21.07
N PRO A 374 18.73 -15.80 -19.83
CA PRO A 374 18.38 -17.19 -19.50
C PRO A 374 17.22 -17.69 -20.35
N ASP A 375 17.25 -18.99 -20.63
CA ASP A 375 16.19 -19.59 -21.44
C ASP A 375 14.84 -19.41 -20.78
N ASP A 376 13.83 -19.13 -21.60
CA ASP A 376 12.43 -18.94 -21.23
C ASP A 376 12.20 -17.57 -20.59
N TRP A 377 13.20 -16.71 -20.51
CA TRP A 377 13.02 -15.38 -19.97
C TRP A 377 12.59 -14.40 -21.06
N ILE A 378 11.86 -13.36 -20.64
CA ILE A 378 11.32 -12.38 -21.57
C ILE A 378 12.17 -11.12 -21.55
N GLU A 379 12.77 -10.82 -20.39
CA GLU A 379 13.54 -9.60 -20.19
C GLU A 379 15.01 -9.95 -19.94
N TYR A 380 15.89 -9.17 -20.54
CA TYR A 380 17.33 -9.38 -20.34
C TYR A 380 17.71 -8.93 -18.93
N PRO A 381 18.48 -9.74 -18.19
CA PRO A 381 18.89 -9.31 -16.84
C PRO A 381 19.81 -8.10 -16.90
N LEU A 382 19.71 -7.27 -15.86
CA LEU A 382 20.53 -6.09 -15.73
C LEU A 382 21.84 -6.41 -15.02
N CYS A 383 22.81 -5.52 -15.17
CA CYS A 383 24.14 -5.73 -14.61
C CYS A 383 24.72 -4.38 -14.19
N GLY A 384 25.98 -4.39 -13.76
CA GLY A 384 26.64 -3.18 -13.31
C GLY A 384 27.93 -3.48 -12.59
N ASN A 385 28.96 -2.67 -12.84
CA ASN A 385 30.27 -2.92 -12.24
C ASN A 385 30.39 -2.39 -10.81
N SER A 386 29.38 -1.67 -10.32
CA SER A 386 29.43 -1.18 -8.95
C SER A 386 29.39 -2.34 -7.97
N SER A 387 30.06 -2.17 -6.83
CA SER A 387 30.07 -3.19 -5.80
C SER A 387 28.65 -3.48 -5.34
N GLY A 388 28.31 -4.77 -5.27
CA GLY A 388 27.00 -5.20 -4.86
C GLY A 388 25.95 -5.20 -5.95
N ALA A 389 26.32 -4.82 -7.17
CA ALA A 389 25.39 -4.80 -8.29
C ALA A 389 25.38 -6.17 -8.98
N GLY A 390 24.55 -6.30 -10.00
CA GLY A 390 24.50 -7.55 -10.75
C GLY A 390 25.83 -7.84 -11.41
N MET A 391 26.20 -9.12 -11.44
CA MET A 391 27.45 -9.58 -12.01
C MET A 391 27.15 -10.36 -13.29
N CYS A 392 28.10 -10.31 -14.23
CA CYS A 392 27.93 -10.97 -15.51
C CYS A 392 28.46 -12.40 -15.46
N PRO A 393 27.96 -13.30 -16.32
CA PRO A 393 28.57 -14.63 -16.43
C PRO A 393 29.94 -14.53 -17.06
N PRO A 394 30.78 -15.54 -16.91
CA PRO A 394 32.13 -15.48 -17.51
C PRO A 394 32.05 -15.31 -19.01
N GLY A 395 32.97 -14.53 -19.56
CA GLY A 395 32.98 -14.24 -20.98
C GLY A 395 32.04 -13.14 -21.42
N TYR A 396 31.43 -12.41 -20.48
CA TYR A 396 30.49 -11.35 -20.80
C TYR A 396 30.92 -10.07 -20.09
N THR A 397 30.54 -8.93 -20.68
CA THR A 397 30.85 -7.62 -20.15
C THR A 397 29.58 -6.80 -20.08
N CYS A 398 29.46 -6.01 -19.01
CA CYS A 398 28.30 -5.14 -18.82
C CYS A 398 28.47 -3.88 -19.64
N LEU A 399 27.59 -3.67 -20.62
CA LEU A 399 27.64 -2.50 -21.49
C LEU A 399 26.32 -1.73 -21.41
N GLN A 400 26.36 -0.50 -21.91
CA GLN A 400 25.21 0.40 -21.86
C GLN A 400 24.90 0.91 -23.25
N GLY A 401 23.66 1.36 -23.42
CA GLY A 401 23.21 1.89 -24.69
C GLY A 401 22.77 0.87 -25.71
N TYR A 402 22.55 -0.37 -25.30
CA TYR A 402 22.16 -1.45 -26.19
C TYR A 402 20.74 -1.90 -25.87
N GLY A 403 19.93 -2.09 -26.91
CA GLY A 403 18.58 -2.56 -26.72
C GLY A 403 17.66 -1.48 -26.16
N GLY A 404 16.51 -1.94 -25.67
CA GLY A 404 15.51 -1.08 -25.10
C GLY A 404 15.39 -1.26 -23.59
N ASN A 405 14.51 -0.45 -23.01
CA ASN A 405 14.25 -0.47 -21.58
C ASN A 405 13.24 -1.55 -21.23
N PRO A 406 13.16 -1.93 -19.95
CA PRO A 406 12.22 -2.99 -19.56
C PRO A 406 10.78 -2.58 -19.74
N ASN A 407 9.92 -3.59 -19.88
CA ASN A 407 8.47 -3.40 -19.98
C ASN A 407 8.10 -2.60 -21.23
N TYR A 408 8.55 -3.10 -22.38
CA TYR A 408 8.26 -2.49 -23.67
C TYR A 408 8.78 -1.06 -23.75
N GLY A 409 9.82 -0.75 -22.97
CA GLY A 409 10.40 0.57 -22.99
C GLY A 409 9.67 1.60 -22.16
N TYR A 410 8.64 1.20 -21.41
CA TYR A 410 7.85 2.14 -20.63
C TYR A 410 8.39 2.38 -19.23
N THR A 411 9.43 1.65 -18.81
CA THR A 411 10.03 1.80 -17.49
C THR A 411 11.47 2.28 -17.68
N SER A 412 11.73 3.53 -17.34
CA SER A 412 13.06 4.11 -17.48
C SER A 412 13.07 5.49 -16.84
N PHE A 413 14.27 6.06 -16.77
CA PHE A 413 14.48 7.43 -16.32
C PHE A 413 15.17 8.25 -17.41
N ASP A 414 14.97 7.87 -18.67
CA ASP A 414 15.69 8.51 -19.77
C ASP A 414 15.20 9.94 -20.00
N THR A 415 13.91 10.18 -19.83
CA THR A 415 13.32 11.49 -20.06
C THR A 415 12.51 11.92 -18.85
N PHE A 416 12.17 13.21 -18.82
CA PHE A 416 11.45 13.75 -17.67
C PHE A 416 10.08 13.09 -17.51
N GLY A 417 9.38 12.84 -18.62
CA GLY A 417 8.07 12.22 -18.53
C GLY A 417 8.13 10.81 -17.97
N TRP A 418 9.06 10.00 -18.47
CA TRP A 418 9.19 8.63 -17.98
C TRP A 418 9.62 8.62 -16.51
N ALA A 419 10.53 9.51 -16.13
CA ALA A 419 10.92 9.59 -14.72
C ALA A 419 9.75 10.00 -13.85
N PHE A 420 8.93 10.95 -14.33
CA PHE A 420 7.74 11.36 -13.60
C PHE A 420 6.79 10.19 -13.42
N LEU A 421 6.57 9.41 -14.48
CA LEU A 421 5.68 8.25 -14.38
C LEU A 421 6.23 7.24 -13.39
N SER A 422 7.54 6.98 -13.43
CA SER A 422 8.15 6.03 -12.50
C SER A 422 8.02 6.51 -11.06
N VAL A 423 8.21 7.81 -10.83
CA VAL A 423 8.10 8.34 -9.47
C VAL A 423 6.66 8.23 -8.98
N PHE A 424 5.69 8.50 -9.86
CA PHE A 424 4.29 8.35 -9.47
C PHE A 424 3.98 6.89 -9.12
N ARG A 425 4.50 5.96 -9.93
CA ARG A 425 4.32 4.54 -9.64
C ARG A 425 4.92 4.18 -8.29
N LEU A 426 6.12 4.68 -8.00
CA LEU A 426 6.76 4.39 -6.72
C LEU A 426 5.95 4.94 -5.57
N VAL A 427 5.43 6.17 -5.72
CA VAL A 427 4.64 6.78 -4.65
C VAL A 427 3.37 5.98 -4.40
N THR A 428 2.72 5.52 -5.47
CA THR A 428 1.50 4.73 -5.32
C THR A 428 1.77 3.29 -4.91
N LEU A 429 3.04 2.87 -4.89
CA LEU A 429 3.40 1.48 -4.55
C LEU A 429 2.73 0.48 -5.49
N ASP A 430 2.64 0.85 -6.77
CA ASP A 430 2.03 -0.01 -7.78
C ASP A 430 3.13 -0.85 -8.42
N TYR A 431 3.26 -2.10 -7.98
CA TYR A 431 4.26 -3.02 -8.52
C TYR A 431 5.65 -2.42 -8.41
N TRP A 432 5.90 -1.68 -7.32
CA TRP A 432 7.11 -0.89 -7.17
C TRP A 432 8.35 -1.73 -6.87
N GLU A 433 8.18 -2.95 -6.35
CA GLU A 433 9.34 -3.76 -6.02
C GLU A 433 10.13 -4.16 -7.27
N ASP A 434 9.45 -4.30 -8.41
CA ASP A 434 10.15 -4.61 -9.65
C ASP A 434 11.12 -3.50 -10.02
N LEU A 435 10.64 -2.26 -10.05
CA LEU A 435 11.50 -1.12 -10.34
C LEU A 435 12.59 -0.96 -9.29
N TYR A 436 12.23 -1.19 -8.02
CA TYR A 436 13.21 -1.12 -6.94
C TYR A 436 14.37 -2.09 -7.18
N GLN A 437 14.04 -3.36 -7.46
CA GLN A 437 15.07 -4.35 -7.69
C GLN A 437 15.89 -4.03 -8.92
N LEU A 438 15.23 -3.56 -10.00
CA LEU A 438 15.96 -3.19 -11.19
C LEU A 438 16.96 -2.09 -10.90
N ALA A 439 16.54 -1.05 -10.18
CA ALA A 439 17.42 0.08 -9.90
C ALA A 439 18.60 -0.36 -9.05
N LEU A 440 18.36 -1.14 -7.99
CA LEU A 440 19.49 -1.56 -7.16
C LEU A 440 20.41 -2.54 -7.89
N ARG A 441 19.87 -3.38 -8.78
CA ARG A 441 20.73 -4.29 -9.52
C ARG A 441 21.57 -3.54 -10.55
N SER A 442 21.04 -2.45 -11.11
CA SER A 442 21.76 -1.72 -12.13
C SER A 442 22.74 -0.70 -11.56
N ALA A 443 22.43 -0.08 -10.42
CA ALA A 443 23.20 1.01 -9.87
C ALA A 443 23.99 0.65 -8.62
N GLY A 444 23.41 -0.15 -7.72
CA GLY A 444 24.07 -0.52 -6.49
C GLY A 444 23.18 -0.39 -5.29
N PRO A 445 23.50 -1.12 -4.21
CA PRO A 445 22.63 -1.10 -3.02
C PRO A 445 22.48 0.28 -2.39
N TRP A 446 23.51 1.12 -2.44
CA TRP A 446 23.44 2.41 -1.76
C TRP A 446 22.26 3.25 -2.26
N HIS A 447 21.95 3.16 -3.55
CA HIS A 447 20.83 3.93 -4.10
C HIS A 447 19.52 3.64 -3.39
N ILE A 448 19.45 2.60 -2.55
CA ILE A 448 18.27 2.39 -1.72
C ILE A 448 17.88 3.69 -1.02
N LEU A 449 18.87 4.52 -0.66
CA LEU A 449 18.57 5.77 0.01
C LEU A 449 17.50 6.56 -0.73
N PHE A 450 17.65 6.66 -2.06
CA PHE A 450 16.65 7.37 -2.86
C PHE A 450 15.26 6.81 -2.59
N PHE A 451 15.10 5.49 -2.72
CA PHE A 451 13.79 4.88 -2.51
C PHE A 451 13.30 5.09 -1.10
N ILE A 452 14.22 5.24 -0.13
CA ILE A 452 13.80 5.49 1.24
C ILE A 452 13.14 6.86 1.36
N ILE A 453 13.63 7.83 0.60
CA ILE A 453 13.08 9.19 0.71
C ILE A 453 11.71 9.26 0.06
N VAL A 454 11.63 8.86 -1.22
CA VAL A 454 10.37 8.97 -1.96
C VAL A 454 9.26 8.21 -1.24
N VAL A 455 9.57 7.02 -0.73
CA VAL A 455 8.57 6.25 0.00
C VAL A 455 8.17 6.99 1.27
N PHE A 456 9.13 7.55 1.99
CA PHE A 456 8.82 8.20 3.27
C PHE A 456 7.97 9.44 3.05
N TYR A 457 8.39 10.33 2.16
CA TYR A 457 7.67 11.57 1.95
C TYR A 457 6.44 11.39 1.07
N GLY A 458 6.50 10.48 0.10
CA GLY A 458 5.42 10.31 -0.85
C GLY A 458 4.27 9.47 -0.35
N THR A 459 4.58 8.34 0.29
CA THR A 459 3.55 7.39 0.69
C THR A 459 3.07 7.62 2.12
N PHE A 460 3.99 7.75 3.07
CA PHE A 460 3.62 7.82 4.47
C PHE A 460 3.13 9.20 4.89
N CYS A 461 3.31 10.23 4.05
CA CYS A 461 2.91 11.59 4.42
C CYS A 461 1.81 12.13 3.52
N PHE A 462 2.00 12.15 2.20
CA PHE A 462 1.08 12.87 1.33
C PHE A 462 -0.25 12.12 1.18
N LEU A 463 -0.19 10.82 0.91
CA LEU A 463 -1.43 10.05 0.84
C LEU A 463 -2.22 10.17 2.14
N ASN A 464 -1.52 10.31 3.26
CA ASN A 464 -2.18 10.56 4.53
C ASN A 464 -2.81 11.95 4.56
N PHE A 465 -2.21 12.92 3.88
CA PHE A 465 -2.87 14.23 3.74
C PHE A 465 -4.18 14.09 2.97
N ILE A 466 -4.17 13.31 1.89
CA ILE A 466 -5.41 13.09 1.14
C ILE A 466 -6.45 12.40 2.00
N LEU A 467 -6.04 11.38 2.75
CA LEU A 467 -6.96 10.70 3.64
C LEU A 467 -7.54 11.65 4.68
N ALA A 468 -6.69 12.52 5.25
CA ALA A 468 -7.16 13.48 6.23
C ALA A 468 -8.17 14.44 5.62
N VAL A 469 -7.92 14.90 4.40
CA VAL A 469 -8.86 15.80 3.73
C VAL A 469 -10.21 15.12 3.55
N VAL A 470 -10.19 13.86 3.09
CA VAL A 470 -11.44 13.14 2.89
C VAL A 470 -12.18 12.97 4.22
N VAL A 471 -11.42 12.64 5.28
CA VAL A 471 -12.03 12.45 6.60
C VAL A 471 -12.67 13.75 7.07
N MET A 472 -11.97 14.86 6.89
CA MET A 472 -12.51 16.16 7.31
C MET A 472 -13.79 16.49 6.55
N SER A 473 -13.79 16.25 5.23
CA SER A 473 -14.98 16.54 4.44
C SER A 473 -16.17 15.72 4.94
N TYR A 474 -15.97 14.42 5.13
CA TYR A 474 -17.07 13.57 5.56
C TYR A 474 -17.54 13.97 6.96
N THR A 475 -16.59 14.30 7.84
CA THR A 475 -16.95 14.70 9.19
C THR A 475 -17.80 15.96 9.18
N HIS A 476 -17.43 16.95 8.37
CA HIS A 476 -18.23 18.17 8.28
C HIS A 476 -19.64 17.85 7.77
N MET A 477 -19.75 17.04 6.72
CA MET A 477 -21.08 16.72 6.20
C MET A 477 -21.93 15.95 7.20
N VAL A 478 -21.35 14.97 7.90
CA VAL A 478 -22.15 14.21 8.85
C VAL A 478 -22.55 15.09 10.02
N LYS A 479 -21.66 15.99 10.47
CA LYS A 479 -22.03 16.91 11.53
C LYS A 479 -23.17 17.81 11.10
N ARG A 480 -23.10 18.34 9.87
CA ARG A 480 -24.18 19.19 9.37
C ARG A 480 -25.49 18.42 9.28
N ALA A 481 -25.44 17.19 8.77
CA ALA A 481 -26.66 16.39 8.65
C ALA A 481 -27.27 16.12 10.02
N ASP A 482 -26.44 15.77 11.00
CA ASP A 482 -26.95 15.52 12.35
C ASP A 482 -27.56 16.78 12.94
N GLU A 483 -26.89 17.92 12.77
CA GLU A 483 -27.43 19.17 13.28
C GLU A 483 -28.76 19.52 12.63
N GLU A 484 -28.88 19.29 11.33
CA GLU A 484 -30.14 19.55 10.63
C GLU A 484 -31.26 18.69 11.19
N LYS A 485 -30.99 17.41 11.44
CA LYS A 485 -31.97 16.50 11.98
C LYS A 485 -33.17 16.37 11.04
N VAL A 570 -36.69 -26.23 31.40
CA VAL A 570 -35.50 -26.95 30.99
C VAL A 570 -34.88 -26.27 29.76
N VAL A 571 -35.67 -26.14 28.70
CA VAL A 571 -35.18 -25.52 27.47
C VAL A 571 -34.81 -24.06 27.73
N LEU A 572 -35.63 -23.35 28.48
CA LEU A 572 -35.38 -21.94 28.78
C LEU A 572 -34.53 -21.80 30.04
N SER A 573 -33.33 -22.38 29.98
CA SER A 573 -32.38 -22.34 31.07
C SER A 573 -30.99 -22.05 30.53
N PRO A 574 -30.13 -21.42 31.35
CA PRO A 574 -28.76 -21.14 30.86
C PRO A 574 -27.98 -22.39 30.50
N PHE A 575 -28.19 -23.49 31.21
CA PHE A 575 -27.46 -24.72 30.89
C PHE A 575 -27.80 -25.21 29.49
N PHE A 576 -29.08 -25.13 29.11
CA PHE A 576 -29.47 -25.50 27.76
C PHE A 576 -28.76 -24.63 26.74
N GLU A 577 -28.70 -23.32 26.97
CA GLU A 577 -28.05 -22.42 26.02
C GLU A 577 -26.56 -22.75 25.90
N LEU A 578 -25.91 -23.05 27.02
CA LEU A 578 -24.51 -23.45 26.96
C LEU A 578 -24.34 -24.73 26.16
N PHE A 579 -25.26 -25.69 26.34
CA PHE A 579 -25.20 -26.92 25.57
C PHE A 579 -25.33 -26.63 24.07
N ILE A 580 -26.25 -25.74 23.70
CA ILE A 580 -26.41 -25.39 22.29
C ILE A 580 -25.14 -24.74 21.77
N ALA A 581 -24.54 -23.85 22.56
CA ALA A 581 -23.33 -23.17 22.11
C ALA A 581 -22.19 -24.16 21.87
N VAL A 582 -21.99 -25.10 22.80
CA VAL A 582 -20.92 -26.08 22.61
C VAL A 582 -21.22 -26.98 21.42
N ILE A 583 -22.49 -27.32 21.22
CA ILE A 583 -22.87 -28.12 20.05
C ILE A 583 -22.53 -27.37 18.78
N ILE A 584 -22.81 -26.06 18.75
CA ILE A 584 -22.53 -25.26 17.55
C ILE A 584 -21.02 -25.20 17.31
N VAL A 585 -20.23 -25.02 18.38
CA VAL A 585 -18.79 -24.94 18.20
C VAL A 585 -18.23 -26.27 17.69
N LEU A 586 -18.76 -27.40 18.18
CA LEU A 586 -18.29 -28.68 17.70
C LEU A 586 -18.81 -29.01 16.31
N ASN A 587 -19.89 -28.35 15.90
CA ASN A 587 -20.32 -28.47 14.51
C ASN A 587 -19.42 -27.63 13.61
N ILE A 588 -18.99 -26.48 14.11
CA ILE A 588 -18.10 -25.63 13.32
C ILE A 588 -16.78 -26.35 13.10
N THR A 589 -16.25 -27.00 14.15
CA THR A 589 -14.99 -27.73 13.96
C THR A 589 -15.19 -28.93 13.04
N PHE A 590 -16.32 -29.64 13.15
CA PHE A 590 -16.58 -30.74 12.23
C PHE A 590 -16.67 -30.23 10.79
N MET A 591 -17.32 -29.08 10.59
CA MET A 591 -17.44 -28.49 9.26
C MET A 591 -16.08 -28.07 8.72
N ALA A 592 -15.22 -27.50 9.58
CA ALA A 592 -13.90 -27.05 9.14
C ALA A 592 -12.95 -28.20 8.91
N LEU A 593 -13.23 -29.38 9.46
CA LEU A 593 -12.36 -30.53 9.27
C LEU A 593 -12.46 -31.13 7.87
N ASP A 594 -13.41 -30.71 7.05
CA ASP A 594 -13.51 -31.22 5.70
C ASP A 594 -12.29 -30.84 4.87
N HIS A 595 -11.84 -31.77 4.04
CA HIS A 595 -10.69 -31.53 3.18
C HIS A 595 -10.79 -32.45 1.97
N HIS A 596 -9.76 -32.41 1.12
CA HIS A 596 -9.74 -33.19 -0.11
C HIS A 596 -9.13 -34.56 0.14
N ASP A 597 -9.67 -35.56 -0.57
CA ASP A 597 -9.20 -36.95 -0.47
C ASP A 597 -9.32 -37.49 0.95
N MET A 598 -10.55 -37.44 1.47
CA MET A 598 -10.86 -38.00 2.78
C MET A 598 -10.99 -39.51 2.68
N ASN A 599 -10.56 -40.20 3.74
CA ASN A 599 -10.73 -41.65 3.81
C ASN A 599 -12.17 -41.98 4.20
N ILE A 600 -12.49 -43.27 4.12
CA ILE A 600 -13.88 -43.71 4.35
C ILE A 600 -14.28 -43.45 5.79
N GLU A 601 -13.41 -43.76 6.75
CA GLU A 601 -13.74 -43.57 8.16
C GLU A 601 -13.98 -42.11 8.49
N PHE A 602 -13.14 -41.21 7.95
CA PHE A 602 -13.27 -39.79 8.25
C PHE A 602 -14.59 -39.26 7.72
N GLU A 603 -15.00 -39.73 6.53
CA GLU A 603 -16.28 -39.32 5.96
C GLU A 603 -17.42 -39.90 6.77
N ARG A 604 -17.25 -41.13 7.28
CA ARG A 604 -18.26 -41.73 8.13
C ARG A 604 -18.47 -40.89 9.39
N ILE A 605 -17.37 -40.47 10.03
CA ILE A 605 -17.47 -39.69 11.24
C ILE A 605 -18.15 -38.35 10.97
N LEU A 606 -17.74 -37.67 9.90
CA LEU A 606 -18.35 -36.38 9.58
C LEU A 606 -19.84 -36.53 9.24
N ARG A 607 -20.19 -37.55 8.46
CA ARG A 607 -21.57 -37.76 8.07
C ARG A 607 -22.46 -38.03 9.28
N THR A 608 -21.99 -38.90 10.18
CA THR A 608 -22.80 -39.24 11.34
C THR A 608 -22.92 -38.06 12.30
N GLY A 609 -21.83 -37.30 12.47
CA GLY A 609 -21.93 -36.08 13.27
C GLY A 609 -22.88 -35.07 12.68
N ASN A 610 -22.91 -34.97 11.35
CA ASN A 610 -23.84 -34.06 10.70
C ASN A 610 -25.29 -34.48 10.97
N TYR A 611 -25.58 -35.78 10.85
CA TYR A 611 -26.91 -36.27 11.18
C TYR A 611 -27.25 -35.99 12.64
N ILE A 612 -26.31 -36.23 13.55
CA ILE A 612 -26.58 -35.98 14.97
C ILE A 612 -26.89 -34.51 15.20
N PHE A 613 -26.10 -33.62 14.60
CA PHE A 613 -26.32 -32.19 14.79
C PHE A 613 -27.68 -31.77 14.23
N THR A 614 -28.05 -32.29 13.06
CA THR A 614 -29.35 -31.92 12.49
C THR A 614 -30.49 -32.40 13.38
N SER A 615 -30.39 -33.63 13.90
CA SER A 615 -31.42 -34.12 14.81
C SER A 615 -31.49 -33.26 16.06
N ILE A 616 -30.33 -32.87 16.60
CA ILE A 616 -30.31 -32.03 17.79
C ILE A 616 -30.99 -30.69 17.51
N TYR A 617 -30.72 -30.10 16.36
CA TYR A 617 -31.35 -28.82 16.02
C TYR A 617 -32.85 -28.96 15.83
N ILE A 618 -33.30 -30.07 15.26
CA ILE A 618 -34.74 -30.28 15.12
C ILE A 618 -35.39 -30.40 16.49
N VAL A 619 -34.74 -31.14 17.41
CA VAL A 619 -35.24 -31.24 18.77
C VAL A 619 -35.28 -29.86 19.41
N GLU A 620 -34.24 -29.06 19.19
CA GLU A 620 -34.20 -27.68 19.68
C GLU A 620 -35.43 -26.92 19.22
N ALA A 621 -35.70 -26.95 17.91
CA ALA A 621 -36.79 -26.16 17.36
C ALA A 621 -38.13 -26.60 17.94
N VAL A 622 -38.36 -27.92 18.00
CA VAL A 622 -39.64 -28.40 18.51
C VAL A 622 -39.80 -28.04 19.99
N LEU A 623 -38.73 -28.20 20.78
CA LEU A 623 -38.83 -27.89 22.20
C LEU A 623 -39.11 -26.40 22.41
N LYS A 624 -38.44 -25.54 21.65
CA LYS A 624 -38.67 -24.11 21.81
C LYS A 624 -40.07 -23.73 21.35
N ILE A 625 -40.57 -24.36 20.29
CA ILE A 625 -41.91 -24.04 19.81
C ILE A 625 -42.97 -24.52 20.81
N ILE A 626 -42.72 -25.62 21.51
CA ILE A 626 -43.70 -26.12 22.46
C ILE A 626 -43.66 -25.34 23.77
N ALA A 627 -42.47 -25.22 24.37
CA ALA A 627 -42.37 -24.54 25.66
C ALA A 627 -42.79 -23.09 25.55
N LEU A 628 -42.34 -22.39 24.51
CA LEU A 628 -42.70 -21.00 24.28
C LEU A 628 -43.82 -20.91 23.24
N SER A 629 -44.66 -19.90 23.38
CA SER A 629 -45.78 -19.75 22.47
C SER A 629 -45.27 -19.56 21.04
N PRO A 630 -45.92 -20.15 20.04
CA PRO A 630 -45.43 -19.97 18.66
C PRO A 630 -45.34 -18.51 18.26
N LYS A 631 -46.30 -17.68 18.65
CA LYS A 631 -46.21 -16.26 18.38
C LYS A 631 -44.98 -15.64 19.05
N PHE A 632 -44.75 -15.99 20.32
CA PHE A 632 -43.56 -15.51 21.00
C PHE A 632 -42.29 -16.03 20.34
N TYR A 633 -42.30 -17.30 19.92
CA TYR A 633 -41.12 -17.87 19.27
C TYR A 633 -40.79 -17.13 18.00
N PHE A 634 -41.79 -16.86 17.16
CA PHE A 634 -41.56 -16.19 15.88
C PHE A 634 -41.41 -14.68 16.02
N LYS A 635 -41.71 -14.11 17.19
CA LYS A 635 -41.45 -12.69 17.39
C LYS A 635 -39.96 -12.39 17.42
N ASP A 636 -39.17 -13.30 18.00
CA ASP A 636 -37.73 -13.08 18.11
C ASP A 636 -37.04 -13.32 16.78
N SER A 637 -36.03 -12.48 16.49
CA SER A 637 -35.29 -12.62 15.24
C SER A 637 -34.39 -13.85 15.26
N TRP A 638 -33.73 -14.11 16.39
CA TRP A 638 -32.84 -15.27 16.46
C TRP A 638 -33.61 -16.57 16.32
N ASN A 639 -34.81 -16.64 16.90
CA ASN A 639 -35.61 -17.86 16.79
C ASN A 639 -36.00 -18.15 15.34
N VAL A 640 -36.44 -17.12 14.61
CA VAL A 640 -36.77 -17.33 13.20
C VAL A 640 -35.53 -17.67 12.40
N PHE A 641 -34.38 -17.07 12.75
CA PHE A 641 -33.14 -17.43 12.08
C PHE A 641 -32.81 -18.90 12.29
N ASP A 642 -33.00 -19.39 13.51
CA ASP A 642 -32.76 -20.80 13.80
C ASP A 642 -33.74 -21.69 13.03
N PHE A 643 -35.00 -21.27 12.94
CA PHE A 643 -35.97 -22.03 12.17
C PHE A 643 -35.58 -22.10 10.69
N ILE A 644 -35.08 -20.99 10.14
CA ILE A 644 -34.60 -20.98 8.76
C ILE A 644 -33.44 -21.96 8.59
N ILE A 645 -32.51 -21.95 9.54
CA ILE A 645 -31.40 -22.90 9.51
C ILE A 645 -31.94 -24.33 9.53
N VAL A 646 -32.94 -24.59 10.37
CA VAL A 646 -33.51 -25.93 10.49
C VAL A 646 -34.14 -26.36 9.16
N VAL A 647 -34.86 -25.45 8.51
CA VAL A 647 -35.54 -25.84 7.28
C VAL A 647 -34.53 -26.11 6.17
N PHE A 648 -33.48 -25.29 6.06
CA PHE A 648 -32.42 -25.64 5.11
C PHE A 648 -31.77 -26.97 5.45
N ALA A 649 -31.52 -27.25 6.73
CA ALA A 649 -30.90 -28.53 7.07
C ALA A 649 -31.79 -29.69 6.66
N ILE A 650 -33.10 -29.59 6.92
CA ILE A 650 -34.02 -30.65 6.54
C ILE A 650 -34.08 -30.80 5.03
N LEU A 651 -34.16 -29.69 4.31
CA LEU A 651 -34.20 -29.76 2.85
C LEU A 651 -32.94 -30.41 2.29
N GLU A 652 -31.79 -30.03 2.83
CA GLU A 652 -30.52 -30.56 2.31
C GLU A 652 -30.38 -32.04 2.61
N LEU A 653 -30.71 -32.47 3.83
CA LEU A 653 -30.62 -33.90 4.11
C LEU A 653 -31.65 -34.69 3.32
N GLY A 654 -32.80 -34.08 3.00
CA GLY A 654 -33.78 -34.77 2.19
C GLY A 654 -33.29 -35.09 0.80
N LEU A 655 -32.60 -34.14 0.17
CA LEU A 655 -32.07 -34.35 -1.18
C LEU A 655 -30.61 -34.78 -1.11
N VAL A 663 -27.00 -27.67 -5.10
CA VAL A 663 -26.69 -28.27 -3.81
C VAL A 663 -26.88 -27.23 -2.70
N PHE A 664 -27.53 -27.64 -1.62
CA PHE A 664 -27.85 -26.75 -0.52
C PHE A 664 -26.81 -26.82 0.60
N ARG A 665 -25.69 -27.52 0.38
CA ARG A 665 -24.68 -27.65 1.42
C ARG A 665 -24.09 -26.29 1.80
N SER A 666 -23.98 -25.37 0.86
CA SER A 666 -23.40 -24.08 1.15
C SER A 666 -24.14 -23.40 2.30
N PHE A 667 -25.47 -23.54 2.33
CA PHE A 667 -26.26 -22.86 3.35
C PHE A 667 -25.91 -23.33 4.76
N ARG A 668 -25.23 -24.46 4.92
CA ARG A 668 -24.81 -24.82 6.28
C ARG A 668 -23.98 -23.73 6.90
N LEU A 669 -23.28 -22.91 6.10
CA LEU A 669 -22.46 -21.86 6.67
C LEU A 669 -23.27 -20.91 7.54
N LEU A 670 -24.58 -20.79 7.28
CA LEU A 670 -25.40 -19.93 8.14
C LEU A 670 -25.28 -20.34 9.60
N ARG A 671 -25.19 -21.65 9.87
CA ARG A 671 -25.07 -22.12 11.25
C ARG A 671 -23.90 -21.44 11.96
N VAL A 672 -22.81 -21.19 11.22
CA VAL A 672 -21.64 -20.58 11.86
C VAL A 672 -22.04 -19.25 12.49
N PHE A 673 -22.86 -18.45 11.79
CA PHE A 673 -23.23 -17.15 12.29
C PHE A 673 -23.99 -17.23 13.61
N ARG A 674 -24.59 -18.39 13.92
CA ARG A 674 -25.27 -18.53 15.20
C ARG A 674 -24.31 -18.33 16.37
N LEU A 675 -23.01 -18.51 16.15
CA LEU A 675 -22.04 -18.28 17.20
C LEU A 675 -22.05 -16.83 17.68
N ALA A 676 -22.56 -15.92 16.86
CA ALA A 676 -22.57 -14.50 17.22
C ALA A 676 -23.41 -14.23 18.45
N LYS A 677 -24.46 -15.03 18.68
CA LYS A 677 -25.32 -14.80 19.83
C LYS A 677 -24.56 -14.97 21.14
N PHE A 678 -23.71 -15.99 21.22
CA PHE A 678 -22.98 -16.31 22.45
C PHE A 678 -21.61 -15.65 22.52
N TRP A 679 -21.22 -14.90 21.49
CA TRP A 679 -19.92 -14.22 21.47
C TRP A 679 -20.13 -12.72 21.58
N PRO A 680 -19.87 -12.12 22.75
CA PRO A 680 -20.18 -10.68 22.90
C PRO A 680 -19.46 -9.79 21.90
N THR A 681 -18.19 -10.09 21.57
CA THR A 681 -17.46 -9.23 20.66
C THR A 681 -18.08 -9.22 19.27
N LEU A 682 -18.38 -10.42 18.74
CA LEU A 682 -19.01 -10.50 17.43
C LEU A 682 -20.40 -9.88 17.45
N ASN A 683 -21.14 -10.05 18.56
CA ASN A 683 -22.45 -9.44 18.68
C ASN A 683 -22.35 -7.92 18.61
N ASN A 684 -21.40 -7.34 19.32
CA ASN A 684 -21.20 -5.89 19.27
C ASN A 684 -20.80 -5.44 17.88
N PHE A 685 -19.92 -6.20 17.22
CA PHE A 685 -19.52 -5.86 15.86
C PHE A 685 -20.73 -5.83 14.93
N MET A 686 -21.58 -6.86 15.01
CA MET A 686 -22.76 -6.90 14.15
C MET A 686 -23.73 -5.77 14.48
N SER A 687 -23.89 -5.46 15.77
CA SER A 687 -24.78 -4.36 16.15
C SER A 687 -24.28 -3.05 15.55
N VAL A 688 -22.98 -2.78 15.65
CA VAL A 688 -22.42 -1.57 15.07
C VAL A 688 -22.61 -1.56 13.56
N MET A 689 -22.40 -2.71 12.92
CA MET A 689 -22.56 -2.78 11.47
C MET A 689 -23.99 -2.47 11.06
N THR A 690 -24.97 -3.03 11.76
CA THR A 690 -26.37 -2.82 11.39
C THR A 690 -26.89 -1.46 11.80
N LYS A 691 -26.24 -0.79 12.75
CA LYS A 691 -26.71 0.52 13.19
C LYS A 691 -26.68 1.53 12.04
N SER A 692 -25.64 1.49 11.21
CA SER A 692 -25.39 2.50 10.19
C SER A 692 -25.25 1.86 8.82
N TYR A 693 -26.19 0.97 8.47
CA TYR A 693 -26.11 0.27 7.19
C TYR A 693 -26.33 1.20 6.01
N GLY A 694 -27.08 2.28 6.20
CA GLY A 694 -27.43 3.14 5.08
C GLY A 694 -26.21 3.79 4.44
N ALA A 695 -25.30 4.32 5.26
CA ALA A 695 -24.13 4.98 4.71
C ALA A 695 -23.24 3.98 3.98
N PHE A 696 -23.05 2.78 4.54
CA PHE A 696 -22.28 1.76 3.85
C PHE A 696 -22.91 1.40 2.52
N VAL A 697 -24.24 1.24 2.49
CA VAL A 697 -24.92 0.92 1.24
C VAL A 697 -24.71 2.02 0.22
N ASN A 698 -24.84 3.27 0.63
CA ASN A 698 -24.65 4.38 -0.30
C ASN A 698 -23.23 4.38 -0.85
N VAL A 699 -22.23 4.20 0.02
CA VAL A 699 -20.85 4.24 -0.45
C VAL A 699 -20.56 3.09 -1.41
N MET A 700 -21.03 1.90 -1.08
CA MET A 700 -20.81 0.74 -1.96
C MET A 700 -21.51 0.94 -3.29
N TYR A 701 -22.74 1.47 -3.28
CA TYR A 701 -23.44 1.71 -4.54
C TYR A 701 -22.68 2.73 -5.40
N VAL A 702 -22.14 3.78 -4.76
CA VAL A 702 -21.35 4.76 -5.51
C VAL A 702 -20.13 4.07 -6.12
N MET A 703 -19.47 3.22 -5.33
CA MET A 703 -18.30 2.49 -5.82
C MET A 703 -18.67 1.66 -7.05
N PHE A 704 -19.77 0.90 -6.98
CA PHE A 704 -20.14 0.04 -8.09
C PHE A 704 -20.58 0.84 -9.30
N LEU A 705 -21.25 1.98 -9.11
CA LEU A 705 -21.65 2.80 -10.24
C LEU A 705 -20.43 3.41 -10.94
N LEU A 706 -19.46 3.90 -10.18
CA LEU A 706 -18.23 4.39 -10.78
C LEU A 706 -17.51 3.28 -11.54
N LEU A 707 -17.44 2.09 -10.94
CA LEU A 707 -16.78 0.97 -11.61
C LEU A 707 -17.48 0.64 -12.91
N PHE A 708 -18.81 0.63 -12.90
CA PHE A 708 -19.58 0.34 -14.10
C PHE A 708 -19.34 1.38 -15.18
N ILE A 709 -19.32 2.67 -14.81
CA ILE A 709 -19.12 3.72 -15.80
C ILE A 709 -17.75 3.58 -16.43
N PHE A 710 -16.69 3.40 -15.62
CA PHE A 710 -15.37 3.24 -16.22
C PHE A 710 -15.27 1.96 -17.03
N ALA A 711 -15.91 0.88 -16.59
CA ALA A 711 -15.85 -0.33 -17.39
C ALA A 711 -16.47 -0.12 -18.76
N ILE A 712 -17.63 0.56 -18.82
CA ILE A 712 -18.26 0.83 -20.10
C ILE A 712 -17.37 1.72 -20.96
N ILE A 713 -16.83 2.79 -20.36
CA ILE A 713 -15.98 3.72 -21.13
C ILE A 713 -14.75 3.02 -21.65
N GLY A 714 -14.08 2.23 -20.80
CA GLY A 714 -12.88 1.53 -21.21
C GLY A 714 -13.17 0.51 -22.29
N MET A 715 -14.28 -0.21 -22.16
CA MET A 715 -14.66 -1.14 -23.22
C MET A 715 -14.82 -0.39 -24.53
N GLN A 716 -15.61 0.67 -24.54
CA GLN A 716 -15.83 1.40 -25.78
C GLN A 716 -14.52 1.94 -26.35
N LEU A 717 -13.60 2.37 -25.49
CA LEU A 717 -12.36 2.99 -25.95
C LEU A 717 -11.35 1.98 -26.47
N PHE A 718 -11.23 0.81 -25.82
CA PHE A 718 -10.11 -0.08 -26.09
C PHE A 718 -10.54 -1.50 -26.46
N GLY A 719 -11.81 -1.73 -26.78
CA GLY A 719 -12.24 -3.08 -27.11
C GLY A 719 -11.60 -3.59 -28.38
N MET A 720 -11.59 -2.77 -29.42
CA MET A 720 -11.11 -3.20 -30.72
C MET A 720 -9.58 -3.24 -30.79
N ASN A 721 -8.89 -2.48 -29.94
CA ASN A 721 -7.44 -2.46 -30.00
C ASN A 721 -6.83 -3.81 -29.66
N TYR A 722 -7.36 -4.50 -28.64
CA TYR A 722 -6.82 -5.80 -28.26
C TYR A 722 -6.98 -6.80 -29.39
N ILE A 723 -8.14 -6.82 -30.05
CA ILE A 723 -8.38 -7.79 -31.11
C ILE A 723 -7.51 -7.46 -32.32
N ASP A 724 -7.48 -6.19 -32.74
CA ASP A 724 -6.79 -5.85 -33.98
C ASP A 724 -5.28 -6.05 -33.84
N ASN A 725 -4.71 -5.66 -32.71
CA ASN A 725 -3.26 -5.66 -32.53
C ASN A 725 -2.83 -6.76 -31.57
N MET A 726 -3.49 -7.91 -31.67
CA MET A 726 -3.18 -9.03 -30.79
C MET A 726 -1.78 -9.55 -31.06
N GLU A 727 -1.28 -9.40 -32.29
CA GLU A 727 0.03 -9.91 -32.65
C GLU A 727 1.16 -9.25 -31.85
N ARG A 728 0.97 -8.00 -31.43
CA ARG A 728 2.02 -7.29 -30.71
C ARG A 728 2.33 -7.93 -29.36
N PHE A 729 1.42 -8.75 -28.84
CA PHE A 729 1.64 -9.42 -27.56
C PHE A 729 2.76 -10.45 -27.71
N PRO A 730 3.41 -10.82 -26.60
CA PRO A 730 4.61 -11.67 -26.69
C PRO A 730 4.40 -12.96 -27.47
N ASP A 731 3.24 -13.61 -27.31
CA ASP A 731 2.95 -14.86 -28.00
C ASP A 731 1.75 -14.73 -28.93
N GLY A 732 1.33 -13.50 -29.24
CA GLY A 732 0.20 -13.30 -30.10
C GLY A 732 -1.11 -13.82 -29.54
N ASP A 733 -1.20 -13.95 -28.23
CA ASP A 733 -2.40 -14.46 -27.57
C ASP A 733 -3.01 -13.37 -26.71
N LEU A 734 -4.33 -13.39 -26.61
CA LEU A 734 -5.03 -12.40 -25.80
C LEU A 734 -4.66 -12.58 -24.33
N PRO A 735 -4.30 -11.52 -23.62
CA PRO A 735 -4.02 -11.65 -22.19
C PRO A 735 -5.28 -11.96 -21.40
N ARG A 736 -5.07 -12.38 -20.14
CA ARG A 736 -6.19 -12.70 -19.27
C ARG A 736 -7.05 -11.47 -19.01
N TRP A 737 -6.41 -10.32 -18.82
CA TRP A 737 -7.10 -9.08 -18.53
C TRP A 737 -7.12 -8.20 -19.78
N ASN A 738 -8.32 -7.78 -20.19
CA ASN A 738 -8.49 -7.03 -21.42
C ASN A 738 -9.82 -6.28 -21.35
N PHE A 739 -10.20 -5.65 -22.45
CA PHE A 739 -11.44 -4.90 -22.57
C PHE A 739 -12.37 -5.51 -23.62
N THR A 740 -12.21 -6.79 -23.91
CA THR A 740 -12.97 -7.40 -25.00
C THR A 740 -14.46 -7.37 -24.75
N ASP A 741 -14.89 -7.67 -23.52
CA ASP A 741 -16.30 -7.70 -23.18
C ASP A 741 -16.52 -6.94 -21.88
N PHE A 742 -17.79 -6.84 -21.47
CA PHE A 742 -18.14 -6.06 -20.30
C PHE A 742 -17.54 -6.66 -19.03
N LEU A 743 -17.58 -7.99 -18.92
CA LEU A 743 -17.10 -8.63 -17.69
C LEU A 743 -15.63 -8.35 -17.47
N HIS A 744 -14.81 -8.51 -18.51
CA HIS A 744 -13.38 -8.26 -18.39
C HIS A 744 -13.08 -6.80 -18.11
N SER A 745 -13.80 -5.89 -18.77
CA SER A 745 -13.58 -4.46 -18.49
C SER A 745 -13.93 -4.11 -17.05
N PHE A 746 -15.05 -4.62 -16.55
CA PHE A 746 -15.41 -4.38 -15.16
C PHE A 746 -14.36 -4.95 -14.22
N MET A 747 -13.88 -6.16 -14.51
CA MET A 747 -12.88 -6.79 -13.65
C MET A 747 -11.57 -6.01 -13.66
N ILE A 748 -11.16 -5.51 -14.82
CA ILE A 748 -9.88 -4.80 -14.91
C ILE A 748 -9.98 -3.45 -14.19
N VAL A 749 -11.13 -2.78 -14.30
CA VAL A 749 -11.32 -1.54 -13.57
C VAL A 749 -11.34 -1.80 -12.06
N PHE A 750 -11.94 -2.93 -11.65
CA PHE A 750 -11.92 -3.28 -10.24
C PHE A 750 -10.49 -3.54 -9.76
N ARG A 751 -9.69 -4.20 -10.59
CA ARG A 751 -8.28 -4.41 -10.26
C ARG A 751 -7.55 -3.07 -10.11
N ALA A 752 -7.81 -2.14 -11.03
CA ALA A 752 -7.19 -0.82 -10.93
C ALA A 752 -7.61 -0.12 -9.63
N LEU A 753 -8.89 -0.24 -9.27
CA LEU A 753 -9.35 0.34 -8.02
C LEU A 753 -8.63 -0.28 -6.83
N CYS A 754 -8.38 -1.60 -6.88
CA CYS A 754 -7.69 -2.27 -5.80
C CYS A 754 -6.26 -1.77 -5.62
N GLY A 755 -5.70 -1.10 -6.64
CA GLY A 755 -4.36 -0.52 -6.54
C GLY A 755 -3.38 -1.02 -7.59
N GLU A 756 -3.78 -1.88 -8.52
CA GLU A 756 -2.89 -2.40 -9.56
C GLU A 756 -3.38 -1.89 -10.92
N TRP A 757 -2.65 -0.93 -11.48
CA TRP A 757 -3.05 -0.30 -12.73
C TRP A 757 -1.93 -0.17 -13.77
N ILE A 758 -0.66 -0.26 -13.37
CA ILE A 758 0.42 0.07 -14.28
C ILE A 758 0.58 -1.00 -15.35
N GLU A 759 0.37 -2.28 -15.01
CA GLU A 759 0.55 -3.34 -15.99
C GLU A 759 -0.56 -3.33 -17.04
N SER A 760 -1.80 -3.10 -16.61
CA SER A 760 -2.90 -2.95 -17.56
C SER A 760 -2.64 -1.75 -18.48
N MET A 761 -2.12 -0.66 -17.93
CA MET A 761 -1.79 0.51 -18.73
C MET A 761 -0.69 0.18 -19.73
N TRP A 762 0.30 -0.62 -19.31
CA TRP A 762 1.34 -1.05 -20.23
C TRP A 762 0.73 -1.81 -21.40
N ASP A 763 -0.16 -2.76 -21.12
CA ASP A 763 -0.79 -3.50 -22.21
C ASP A 763 -1.57 -2.57 -23.13
N CYS A 764 -2.31 -1.63 -22.55
CA CYS A 764 -3.09 -0.69 -23.38
C CYS A 764 -2.21 0.14 -24.28
N MET A 765 -1.09 0.65 -23.75
CA MET A 765 -0.17 1.38 -24.60
C MET A 765 0.38 0.48 -25.69
N LEU A 766 0.69 -0.77 -25.35
CA LEU A 766 1.22 -1.67 -26.36
C LEU A 766 0.23 -1.86 -27.52
N VAL A 767 -1.05 -2.04 -27.21
CA VAL A 767 -2.08 -2.17 -28.25
C VAL A 767 -2.81 -0.85 -28.55
N GLY A 768 -2.66 0.17 -27.71
CA GLY A 768 -3.41 1.39 -27.90
C GLY A 768 -2.53 2.59 -28.15
N ASP A 769 -2.83 3.70 -27.49
CA ASP A 769 -2.13 4.95 -27.70
C ASP A 769 -2.01 5.65 -26.36
N TRP A 770 -1.67 6.94 -26.39
CA TRP A 770 -1.48 7.71 -25.16
C TRP A 770 -2.75 7.77 -24.32
N SER A 771 -3.93 7.67 -24.95
CA SER A 771 -5.17 7.87 -24.21
C SER A 771 -5.36 6.90 -23.05
N CYS A 772 -4.70 5.75 -23.04
CA CYS A 772 -4.84 4.86 -21.90
C CYS A 772 -4.30 5.48 -20.62
N ILE A 773 -3.25 6.31 -20.72
CA ILE A 773 -2.60 6.84 -19.52
C ILE A 773 -3.63 7.65 -18.74
N PRO A 774 -4.27 8.67 -19.31
CA PRO A 774 -5.23 9.44 -18.51
C PRO A 774 -6.36 8.59 -17.95
N PHE A 775 -6.81 7.58 -18.69
CA PHE A 775 -7.91 6.73 -18.23
C PHE A 775 -7.54 5.99 -16.95
N PHE A 776 -6.59 5.05 -17.05
CA PHE A 776 -6.22 4.25 -15.90
C PHE A 776 -5.81 5.14 -14.73
N VAL A 777 -4.97 6.13 -14.99
CA VAL A 777 -4.53 7.03 -13.93
C VAL A 777 -5.74 7.63 -13.23
N ALA A 778 -6.70 8.13 -14.00
CA ALA A 778 -7.91 8.67 -13.39
C ALA A 778 -8.59 7.64 -12.52
N VAL A 779 -8.75 6.42 -13.03
CA VAL A 779 -9.42 5.37 -12.27
C VAL A 779 -8.75 5.18 -10.93
N PHE A 780 -7.45 5.46 -10.84
CA PHE A 780 -6.75 5.27 -9.57
C PHE A 780 -7.11 6.34 -8.57
N PHE A 781 -7.19 7.60 -9.02
CA PHE A 781 -7.46 8.70 -8.10
C PHE A 781 -8.84 8.58 -7.49
N VAL A 782 -9.87 8.46 -8.33
CA VAL A 782 -11.24 8.45 -7.83
C VAL A 782 -11.52 7.18 -7.03
N GLY A 783 -11.17 6.03 -7.61
CA GLY A 783 -11.51 4.76 -6.99
C GLY A 783 -10.77 4.52 -5.68
N ASN A 784 -9.47 4.82 -5.65
CA ASN A 784 -8.60 4.43 -4.54
C ASN A 784 -8.37 5.55 -3.54
N LEU A 785 -8.08 6.76 -4.01
CA LEU A 785 -7.69 7.84 -3.12
C LEU A 785 -8.87 8.65 -2.60
N VAL A 786 -10.09 8.37 -3.06
CA VAL A 786 -11.26 9.11 -2.62
C VAL A 786 -12.30 8.16 -2.06
N ILE A 787 -12.79 7.23 -2.89
CA ILE A 787 -13.88 6.35 -2.45
C ILE A 787 -13.42 5.45 -1.31
N LEU A 788 -12.25 4.83 -1.46
CA LEU A 788 -11.73 3.99 -0.38
C LEU A 788 -11.42 4.82 0.85
N ASN A 789 -10.86 6.02 0.66
CA ASN A 789 -10.64 6.90 1.80
C ASN A 789 -11.96 7.30 2.45
N LEU A 790 -13.01 7.48 1.64
CA LEU A 790 -14.33 7.79 2.20
C LEU A 790 -14.85 6.61 3.02
N LEU A 791 -14.62 5.38 2.56
CA LEU A 791 -15.01 4.21 3.34
C LEU A 791 -14.23 4.14 4.65
N ILE A 792 -12.94 4.48 4.60
CA ILE A 792 -12.13 4.53 5.82
C ILE A 792 -12.70 5.56 6.79
N ALA A 793 -13.08 6.73 6.28
CA ALA A 793 -13.66 7.76 7.13
C ALA A 793 -14.98 7.28 7.73
N LEU A 794 -15.79 6.59 6.95
CA LEU A 794 -17.03 6.00 7.46
C LEU A 794 -16.74 5.06 8.62
N LEU A 795 -15.78 4.14 8.42
CA LEU A 795 -15.44 3.19 9.48
C LEU A 795 -14.93 3.92 10.71
N LEU A 796 -14.08 4.94 10.53
CA LEU A 796 -13.53 5.67 11.65
C LEU A 796 -14.63 6.38 12.44
N ASN A 797 -15.58 7.00 11.73
CA ASN A 797 -16.67 7.69 12.42
C ASN A 797 -17.57 6.70 13.14
N ASN A 798 -17.87 5.55 12.53
CA ASN A 798 -18.79 4.61 13.14
C ASN A 798 -18.10 3.70 14.16
N TYR A 799 -16.89 3.23 13.85
CA TYR A 799 -16.12 2.39 14.76
C TYR A 799 -15.11 3.29 15.50
N GLY A 800 -15.63 4.05 16.46
CA GLY A 800 -14.81 4.95 17.24
C GLY A 800 -15.58 6.13 17.78
N TRP A 897 24.39 -6.41 55.17
CA TRP A 897 23.30 -6.62 54.21
C TRP A 897 22.71 -5.29 53.76
N SER A 898 22.36 -4.45 54.74
CA SER A 898 21.77 -3.15 54.41
C SER A 898 22.73 -2.29 53.61
N ASN A 899 24.02 -2.29 53.98
CA ASN A 899 25.00 -1.49 53.26
C ASN A 899 25.12 -1.96 51.80
N ILE A 900 25.11 -3.28 51.59
CA ILE A 900 25.19 -3.80 50.23
C ILE A 900 24.00 -3.34 49.41
N ARG A 901 22.80 -3.41 49.99
CA ARG A 901 21.60 -2.98 49.28
C ARG A 901 21.66 -1.49 48.96
N ARG A 902 22.11 -0.67 49.92
CA ARG A 902 22.20 0.77 49.69
C ARG A 902 23.18 1.08 48.57
N VAL A 903 24.35 0.44 48.59
CA VAL A 903 25.35 0.70 47.56
C VAL A 903 24.84 0.25 46.20
N CYS A 904 24.18 -0.91 46.16
CA CYS A 904 23.65 -1.40 44.89
C CYS A 904 22.56 -0.48 44.35
N PHE A 905 21.70 0.04 45.22
CA PHE A 905 20.70 1.01 44.78
C PHE A 905 21.34 2.27 44.24
N LEU A 906 22.37 2.77 44.94
CA LEU A 906 23.09 3.96 44.46
C LEU A 906 23.67 3.71 43.07
N LEU A 907 24.31 2.56 42.87
CA LEU A 907 24.85 2.23 41.56
C LEU A 907 23.75 2.10 40.51
N ALA A 908 22.62 1.50 40.90
CA ALA A 908 21.54 1.24 39.96
C ALA A 908 20.92 2.54 39.44
N LYS A 909 20.67 3.50 40.32
CA LYS A 909 20.00 4.73 39.90
C LYS A 909 20.97 5.80 39.42
N ASN A 910 22.26 5.46 39.31
CA ASN A 910 23.23 6.40 38.74
C ASN A 910 23.09 6.45 37.23
N LYS A 911 23.23 7.66 36.67
CA LYS A 911 23.09 7.84 35.23
C LYS A 911 24.22 7.17 34.46
N TYR A 912 25.45 7.25 34.99
CA TYR A 912 26.60 6.71 34.28
C TYR A 912 26.48 5.21 34.09
N PHE A 913 26.01 4.49 35.11
CA PHE A 913 25.84 3.05 34.99
C PHE A 913 24.86 2.69 33.88
N GLN A 914 23.73 3.41 33.83
CA GLN A 914 22.75 3.16 32.78
C GLN A 914 23.32 3.46 31.40
N LYS A 915 24.06 4.56 31.27
CA LYS A 915 24.66 4.90 29.99
C LYS A 915 25.66 3.83 29.56
N PHE A 916 26.47 3.34 30.49
CA PHE A 916 27.43 2.28 30.18
C PHE A 916 26.72 1.01 29.72
N VAL A 917 25.65 0.63 30.43
CA VAL A 917 24.90 -0.57 30.05
C VAL A 917 24.33 -0.42 28.65
N THR A 918 23.73 0.74 28.36
CA THR A 918 23.14 0.96 27.04
C THR A 918 24.20 0.91 25.95
N ALA A 919 25.36 1.52 26.21
CA ALA A 919 26.44 1.49 25.22
C ALA A 919 26.90 0.07 24.97
N VAL A 920 27.05 -0.72 26.03
CA VAL A 920 27.48 -2.11 25.86
C VAL A 920 26.46 -2.88 25.03
N LEU A 921 25.17 -2.70 25.33
CA LEU A 921 24.14 -3.40 24.57
C LEU A 921 24.17 -3.02 23.09
N VAL A 922 24.33 -1.72 22.80
CA VAL A 922 24.36 -1.28 21.41
C VAL A 922 25.58 -1.85 20.69
N ILE A 923 26.73 -1.85 21.36
CA ILE A 923 27.94 -2.39 20.74
C ILE A 923 27.76 -3.87 20.45
N THR A 924 27.18 -4.62 21.39
CA THR A 924 26.97 -6.05 21.15
C THR A 924 25.97 -6.30 20.04
N SER A 925 24.93 -5.46 19.92
CA SER A 925 24.02 -5.59 18.78
C SER A 925 24.75 -5.38 17.46
N VAL A 926 25.62 -4.37 17.42
CA VAL A 926 26.38 -4.13 16.20
C VAL A 926 27.29 -5.31 15.91
N LEU A 927 27.91 -5.87 16.94
CA LEU A 927 28.73 -7.06 16.75
C LEU A 927 27.89 -8.20 16.18
N LEU A 928 26.65 -8.35 16.68
CA LEU A 928 25.76 -9.38 16.17
C LEU A 928 25.48 -9.18 14.69
N ALA A 929 25.49 -7.93 14.23
CA ALA A 929 25.16 -7.64 12.84
C ALA A 929 26.24 -8.09 11.87
N LEU A 930 27.44 -8.45 12.35
CA LEU A 930 28.56 -8.83 11.49
C LEU A 930 28.61 -10.33 11.19
N GLU A 931 27.71 -11.13 11.74
CA GLU A 931 27.73 -12.59 11.55
C GLU A 931 27.01 -12.92 10.25
N ASP A 932 27.74 -12.87 9.13
CA ASP A 932 27.21 -13.13 7.80
C ASP A 932 27.78 -14.44 7.26
N ILE A 933 27.48 -14.72 5.98
CA ILE A 933 27.91 -15.95 5.35
C ILE A 933 29.43 -16.05 5.32
N TYR A 934 30.12 -14.92 5.34
CA TYR A 934 31.58 -14.86 5.26
C TYR A 934 32.26 -14.97 6.62
N LEU A 935 31.50 -15.09 7.71
CA LEU A 935 32.12 -15.19 9.03
C LEU A 935 33.11 -16.33 9.14
N PRO A 936 32.85 -17.54 8.63
CA PRO A 936 33.83 -18.63 8.80
C PRO A 936 35.18 -18.34 8.18
N GLN A 937 35.27 -17.40 7.24
CA GLN A 937 36.52 -17.08 6.57
C GLN A 937 37.36 -16.07 7.32
N ARG A 938 36.88 -15.56 8.47
CA ARG A 938 37.56 -14.52 9.24
C ARG A 938 37.84 -15.06 10.64
N PRO A 939 39.01 -15.66 10.86
CA PRO A 939 39.28 -16.20 12.21
C PRO A 939 39.26 -15.16 13.30
N VAL A 940 39.78 -13.95 13.01
CA VAL A 940 39.84 -12.90 14.03
C VAL A 940 38.44 -12.51 14.47
N LEU A 941 37.53 -12.32 13.51
CA LEU A 941 36.16 -11.95 13.85
C LEU A 941 35.47 -13.05 14.64
N VAL A 942 35.73 -14.31 14.29
CA VAL A 942 35.15 -15.43 15.03
C VAL A 942 35.63 -15.39 16.48
N ASN A 943 36.93 -15.15 16.68
CA ASN A 943 37.47 -15.10 18.04
C ASN A 943 36.90 -13.91 18.81
N ILE A 944 36.74 -12.77 18.16
CA ILE A 944 36.14 -11.61 18.83
C ILE A 944 34.72 -11.95 19.28
N THR A 945 33.93 -12.57 18.39
CA THR A 945 32.57 -12.94 18.77
C THR A 945 32.55 -13.90 19.95
N LEU A 946 33.40 -14.93 19.91
CA LEU A 946 33.40 -15.92 20.98
C LEU A 946 33.78 -15.28 22.31
N TYR A 947 34.79 -14.41 22.31
CA TYR A 947 35.22 -13.79 23.55
C TYR A 947 34.19 -12.76 24.03
N VAL A 948 33.54 -12.06 23.11
CA VAL A 948 32.51 -11.12 23.51
C VAL A 948 31.34 -11.84 24.15
N ASP A 949 30.97 -13.00 23.63
CA ASP A 949 29.91 -13.79 24.26
C ASP A 949 30.33 -14.23 25.66
N TYR A 950 31.58 -14.67 25.80
CA TYR A 950 32.04 -15.10 27.13
C TYR A 950 32.01 -13.94 28.11
N VAL A 951 32.37 -12.74 27.67
CA VAL A 951 32.32 -11.57 28.55
C VAL A 951 30.86 -11.18 28.85
N LEU A 952 29.99 -11.30 27.85
CA LEU A 952 28.59 -10.91 28.03
C LEU A 952 27.86 -11.81 29.02
N THR A 953 28.20 -13.10 29.04
CA THR A 953 27.56 -13.97 30.03
C THR A 953 27.81 -13.44 31.44
N ALA A 954 29.07 -13.14 31.76
CA ALA A 954 29.41 -12.59 33.07
C ALA A 954 28.75 -11.24 33.28
N PHE A 955 28.75 -10.38 32.25
CA PHE A 955 28.13 -9.07 32.39
C PHE A 955 26.66 -9.18 32.75
N PHE A 956 25.94 -10.08 32.06
CA PHE A 956 24.52 -10.27 32.35
C PHE A 956 24.32 -10.80 33.76
N VAL A 957 25.15 -11.76 34.18
CA VAL A 957 25.00 -12.32 35.53
C VAL A 957 25.20 -11.23 36.58
N ILE A 958 26.26 -10.43 36.43
CA ILE A 958 26.55 -9.38 37.40
C ILE A 958 25.44 -8.34 37.41
N GLU A 959 24.95 -7.96 36.22
CA GLU A 959 23.87 -6.98 36.15
C GLU A 959 22.63 -7.51 36.85
N MET A 960 22.29 -8.78 36.65
CA MET A 960 21.14 -9.37 37.32
C MET A 960 21.31 -9.34 38.83
N ILE A 961 22.51 -9.70 39.30
CA ILE A 961 22.73 -9.71 40.75
C ILE A 961 22.58 -8.31 41.33
N ILE A 962 23.15 -7.31 40.66
CA ILE A 962 23.06 -5.94 41.18
C ILE A 962 21.60 -5.48 41.17
N MET A 963 20.87 -5.75 40.08
CA MET A 963 19.48 -5.33 40.03
C MET A 963 18.66 -6.00 41.12
N LEU A 964 18.89 -7.29 41.36
CA LEU A 964 18.22 -7.98 42.46
C LEU A 964 18.50 -7.30 43.79
N PHE A 965 19.79 -7.16 44.13
CA PHE A 965 20.14 -6.54 45.40
C PHE A 965 19.57 -5.13 45.52
N ALA A 966 19.41 -4.43 44.41
CA ALA A 966 18.93 -3.05 44.45
C ALA A 966 17.42 -2.98 44.65
N VAL A 967 16.67 -3.80 43.90
CA VAL A 967 15.24 -3.60 43.76
C VAL A 967 14.40 -4.61 44.52
N GLY A 968 14.96 -5.73 44.95
CA GLY A 968 14.15 -6.70 45.68
C GLY A 968 13.52 -7.72 44.77
N PHE A 969 13.32 -8.93 45.32
CA PHE A 969 12.83 -10.04 44.52
C PHE A 969 11.43 -9.75 43.99
N LYS A 970 10.54 -9.26 44.85
CA LYS A 970 9.16 -9.02 44.45
C LYS A 970 9.08 -7.99 43.32
N LYS A 971 9.73 -6.84 43.50
CA LYS A 971 9.68 -5.81 42.47
C LYS A 971 10.35 -6.28 41.19
N TYR A 972 11.46 -7.00 41.30
CA TYR A 972 12.15 -7.45 40.10
C TYR A 972 11.29 -8.43 39.30
N PHE A 973 10.63 -9.36 39.98
CA PHE A 973 9.85 -10.38 39.30
C PHE A 973 8.40 -9.96 39.08
N THR A 974 8.03 -8.73 39.46
CA THR A 974 6.71 -8.18 39.19
C THR A 974 6.68 -7.34 37.93
N SER A 975 7.80 -7.23 37.20
CA SER A 975 7.92 -6.38 36.03
C SER A 975 8.21 -7.21 34.79
N LYS A 976 7.71 -6.74 33.64
CA LYS A 976 7.90 -7.47 32.40
C LYS A 976 9.30 -7.27 31.84
N TRP A 977 9.85 -6.05 31.94
CA TRP A 977 11.20 -5.81 31.47
C TRP A 977 12.21 -6.64 32.23
N TYR A 978 12.07 -6.70 33.56
CA TYR A 978 12.98 -7.52 34.34
C TYR A 978 12.79 -8.99 34.02
N TRP A 979 11.58 -9.40 33.66
CA TRP A 979 11.37 -10.77 33.21
C TRP A 979 12.09 -11.03 31.90
N LEU A 980 12.06 -10.07 30.97
CA LEU A 980 12.80 -10.22 29.73
C LEU A 980 14.29 -10.37 30.02
N ASP A 981 14.81 -9.54 30.92
CA ASP A 981 16.21 -9.66 31.29
C ASP A 981 16.51 -11.02 31.90
N PHE A 982 15.60 -11.54 32.74
CA PHE A 982 15.82 -12.85 33.35
C PHE A 982 15.83 -13.96 32.30
N ILE A 983 14.94 -13.91 31.30
CA ILE A 983 15.01 -14.89 30.22
C ILE A 983 16.33 -14.78 29.46
N VAL A 984 16.78 -13.56 29.19
CA VAL A 984 18.07 -13.42 28.49
C VAL A 984 19.19 -14.05 29.32
N VAL A 985 19.20 -13.77 30.62
CA VAL A 985 20.23 -14.34 31.49
C VAL A 985 20.16 -15.86 31.49
N VAL A 986 18.94 -16.42 31.59
CA VAL A 986 18.78 -17.87 31.61
C VAL A 986 19.28 -18.48 30.30
N ALA A 987 18.93 -17.86 29.18
CA ALA A 987 19.38 -18.37 27.89
C ALA A 987 20.90 -18.37 27.80
N TYR A 988 21.54 -17.29 28.26
CA TYR A 988 23.00 -17.24 28.18
C TYR A 988 23.64 -18.23 29.12
N LEU A 989 23.08 -18.44 30.31
CA LEU A 989 23.60 -19.47 31.20
C LEU A 989 23.44 -20.86 30.61
N LEU A 990 22.31 -21.12 29.95
CA LEU A 990 22.11 -22.39 29.28
C LEU A 990 23.15 -22.59 28.19
N ASN A 991 23.41 -21.55 27.40
CA ASN A 991 24.45 -21.65 26.38
C ASN A 991 25.80 -21.91 27.01
N PHE A 992 26.11 -21.24 28.12
CA PHE A 992 27.39 -21.43 28.78
C PHE A 992 27.57 -22.87 29.23
N VAL A 993 26.54 -23.45 29.86
CA VAL A 993 26.65 -24.82 30.34
C VAL A 993 26.74 -25.78 29.16
N LEU A 994 26.00 -25.51 28.09
CA LEU A 994 26.09 -26.36 26.90
C LEU A 994 27.50 -26.34 26.32
N MET A 995 28.11 -25.15 26.21
CA MET A 995 29.46 -25.06 25.68
C MET A 995 30.47 -25.73 26.61
N CYS A 996 30.28 -25.60 27.91
CA CYS A 996 31.16 -26.30 28.85
C CYS A 996 31.05 -27.81 28.66
N ALA A 997 29.83 -28.32 28.46
CA ALA A 997 29.63 -29.74 28.25
C ALA A 997 30.11 -30.23 26.89
N GLY A 998 30.48 -29.32 25.99
CA GLY A 998 30.93 -29.69 24.67
C GLY A 998 29.87 -29.69 23.59
N ILE A 999 28.70 -29.12 23.86
CA ILE A 999 27.60 -29.06 22.89
C ILE A 999 27.60 -27.69 22.25
N GLU A 1000 27.45 -27.66 20.93
CA GLU A 1000 27.44 -26.39 20.20
C GLU A 1000 26.35 -25.47 20.76
N ALA A 1001 26.71 -24.22 20.97
CA ALA A 1001 25.77 -23.25 21.54
C ALA A 1001 24.59 -23.04 20.61
N LEU A 1002 23.41 -22.84 21.21
CA LEU A 1002 22.20 -22.55 20.44
C LEU A 1002 22.24 -21.11 19.96
N GLN A 1003 22.24 -20.93 18.64
CA GLN A 1003 22.41 -19.59 18.08
C GLN A 1003 21.23 -18.68 18.40
N THR A 1004 20.01 -19.22 18.40
CA THR A 1004 18.84 -18.41 18.73
C THR A 1004 18.92 -17.87 20.15
N LEU A 1005 19.36 -18.70 21.10
CA LEU A 1005 19.42 -18.27 22.49
C LEU A 1005 20.36 -17.09 22.64
N ARG A 1006 21.53 -17.15 22.00
CA ARG A 1006 22.47 -16.04 22.06
C ARG A 1006 22.03 -14.87 21.18
N LEU A 1007 21.14 -15.11 20.21
CA LEU A 1007 20.53 -14.04 19.44
C LEU A 1007 19.44 -13.32 20.22
N LEU A 1008 19.01 -13.89 21.35
CA LEU A 1008 17.92 -13.28 22.11
C LEU A 1008 18.32 -11.98 22.78
N ARG A 1009 19.62 -11.69 22.89
CA ARG A 1009 20.05 -10.47 23.57
C ARG A 1009 19.69 -9.20 22.80
N VAL A 1010 19.30 -9.31 21.53
CA VAL A 1010 18.90 -8.12 20.77
C VAL A 1010 17.67 -7.48 21.38
N PHE A 1011 16.81 -8.27 22.04
CA PHE A 1011 15.59 -7.74 22.61
C PHE A 1011 15.84 -6.78 23.77
N ARG A 1012 17.06 -6.74 24.30
CA ARG A 1012 17.37 -5.80 25.38
C ARG A 1012 17.41 -4.35 24.91
N LEU A 1013 17.41 -4.11 23.59
CA LEU A 1013 17.50 -2.74 23.08
C LEU A 1013 16.21 -1.96 23.27
N PHE A 1014 15.12 -2.61 23.67
CA PHE A 1014 13.82 -1.95 23.70
C PHE A 1014 13.66 -1.02 24.90
N ARG A 1015 14.34 -1.31 26.02
CA ARG A 1015 14.35 -0.38 27.14
C ARG A 1015 14.89 0.99 26.76
N PRO A 1016 16.14 1.13 26.31
CA PRO A 1016 16.63 2.47 25.92
C PRO A 1016 15.83 3.11 24.81
N LEU A 1017 15.30 2.29 23.89
CA LEU A 1017 14.46 2.82 22.82
C LEU A 1017 13.22 3.50 23.36
N SER A 1018 12.56 2.89 24.34
CA SER A 1018 11.35 3.49 24.90
C SER A 1018 11.66 4.80 25.60
N LYS A 1019 12.88 4.97 26.09
CA LYS A 1019 13.26 6.18 26.81
C LYS A 1019 13.75 7.30 25.89
N VAL A 1020 13.82 7.08 24.57
CA VAL A 1020 14.21 8.15 23.67
C VAL A 1020 13.21 9.29 23.80
N ASN A 1021 13.71 10.52 23.82
CA ASN A 1021 12.83 11.67 24.00
C ASN A 1021 11.78 11.73 22.91
N GLY A 1022 10.52 11.91 23.30
CA GLY A 1022 9.42 11.93 22.36
C GLY A 1022 8.91 10.57 21.94
N MET A 1023 9.48 9.48 22.45
CA MET A 1023 9.05 8.14 22.10
C MET A 1023 7.91 7.61 22.96
N GLN A 1024 7.63 8.26 24.10
CA GLN A 1024 6.64 7.71 25.02
C GLN A 1024 5.26 7.62 24.38
N VAL A 1025 4.90 8.60 23.56
CA VAL A 1025 3.56 8.63 22.98
C VAL A 1025 3.34 7.42 22.08
N VAL A 1026 4.33 7.06 21.26
CA VAL A 1026 4.17 5.95 20.33
C VAL A 1026 4.00 4.64 21.07
N THR A 1027 4.86 4.39 22.06
CA THR A 1027 4.78 3.14 22.82
C THR A 1027 3.46 3.07 23.60
N SER A 1028 3.04 4.19 24.18
CA SER A 1028 1.76 4.20 24.89
C SER A 1028 0.61 3.89 23.94
N THR A 1029 0.62 4.48 22.75
CA THR A 1029 -0.43 4.21 21.78
C THR A 1029 -0.46 2.75 21.40
N LEU A 1030 0.70 2.16 21.12
CA LEU A 1030 0.74 0.75 20.73
C LEU A 1030 0.26 -0.15 21.86
N VAL A 1031 0.71 0.12 23.09
CA VAL A 1031 0.31 -0.70 24.22
C VAL A 1031 -1.20 -0.61 24.45
N GLU A 1032 -1.76 0.61 24.37
CA GLU A 1032 -3.19 0.76 24.53
C GLU A 1032 -3.97 0.10 23.40
N ALA A 1033 -3.39 0.05 22.20
CA ALA A 1033 -4.10 -0.51 21.05
C ALA A 1033 -3.99 -2.03 20.97
N VAL A 1034 -3.06 -2.65 21.69
CA VAL A 1034 -2.90 -4.10 21.58
C VAL A 1034 -4.22 -4.86 21.75
N PRO A 1035 -5.04 -4.60 22.79
CA PRO A 1035 -6.27 -5.40 22.94
C PRO A 1035 -7.26 -5.25 21.81
N HIS A 1036 -7.43 -4.03 21.30
CA HIS A 1036 -8.33 -3.82 20.17
C HIS A 1036 -7.82 -4.53 18.93
N ILE A 1037 -6.50 -4.51 18.72
CA ILE A 1037 -5.92 -5.25 17.60
C ILE A 1037 -6.20 -6.73 17.75
N PHE A 1038 -6.08 -7.26 18.97
CA PHE A 1038 -6.37 -8.68 19.20
C PHE A 1038 -7.82 -9.01 18.87
N ASN A 1039 -8.75 -8.15 19.32
CA ASN A 1039 -10.17 -8.40 19.03
C ASN A 1039 -10.44 -8.36 17.53
N VAL A 1040 -9.85 -7.38 16.83
CA VAL A 1040 -10.04 -7.29 15.39
C VAL A 1040 -9.46 -8.53 14.71
N ILE A 1041 -8.33 -9.03 15.21
CA ILE A 1041 -7.72 -10.22 14.63
C ILE A 1041 -8.65 -11.41 14.82
N LEU A 1042 -9.27 -11.54 15.99
CA LEU A 1042 -10.21 -12.63 16.20
C LEU A 1042 -11.40 -12.54 15.24
N VAL A 1043 -11.96 -11.33 15.08
CA VAL A 1043 -13.12 -11.18 14.20
C VAL A 1043 -12.74 -11.51 12.75
N GLY A 1044 -11.57 -11.02 12.32
CA GLY A 1044 -11.10 -11.35 10.99
C GLY A 1044 -10.87 -12.84 10.82
N ILE A 1045 -10.35 -13.51 11.85
CA ILE A 1045 -10.15 -14.95 11.79
C ILE A 1045 -11.49 -15.65 11.62
N PHE A 1046 -12.52 -15.17 12.30
CA PHE A 1046 -13.84 -15.78 12.17
C PHE A 1046 -14.38 -15.65 10.74
N PHE A 1047 -14.37 -14.43 10.20
CA PHE A 1047 -14.85 -14.25 8.83
C PHE A 1047 -14.00 -15.03 7.83
N TRP A 1048 -12.69 -15.06 8.04
CA TRP A 1048 -11.81 -15.80 7.13
C TRP A 1048 -12.04 -17.30 7.25
N LEU A 1049 -12.41 -17.80 8.42
CA LEU A 1049 -12.79 -19.20 8.55
C LEU A 1049 -14.03 -19.49 7.73
N VAL A 1050 -15.03 -18.60 7.79
CA VAL A 1050 -16.23 -18.79 6.97
C VAL A 1050 -15.86 -18.84 5.50
N PHE A 1051 -15.09 -17.86 5.04
CA PHE A 1051 -14.74 -17.80 3.62
C PHE A 1051 -13.83 -18.96 3.22
N ALA A 1052 -13.00 -19.45 4.14
CA ALA A 1052 -12.14 -20.58 3.83
C ALA A 1052 -12.94 -21.88 3.70
N ILE A 1053 -13.95 -22.05 4.55
CA ILE A 1053 -14.84 -23.20 4.39
C ILE A 1053 -15.53 -23.13 3.03
N MET A 1054 -16.03 -21.95 2.66
CA MET A 1054 -16.67 -21.81 1.35
C MET A 1054 -15.70 -22.14 0.22
N GLY A 1055 -14.48 -21.61 0.30
CA GLY A 1055 -13.49 -21.85 -0.74
C GLY A 1055 -13.08 -23.30 -0.84
N VAL A 1056 -12.96 -23.99 0.31
CA VAL A 1056 -12.64 -25.40 0.29
C VAL A 1056 -13.76 -26.20 -0.36
N GLN A 1057 -15.02 -25.87 -0.03
CA GLN A 1057 -16.13 -26.53 -0.69
C GLN A 1057 -16.10 -26.29 -2.19
N LEU A 1058 -15.64 -25.11 -2.62
CA LEU A 1058 -15.72 -24.75 -4.03
C LEU A 1058 -14.58 -25.36 -4.85
N PHE A 1059 -13.33 -25.23 -4.38
CA PHE A 1059 -12.15 -25.50 -5.18
C PHE A 1059 -11.27 -26.60 -4.62
N ALA A 1060 -11.78 -27.45 -3.73
CA ALA A 1060 -10.95 -28.49 -3.14
C ALA A 1060 -10.53 -29.50 -4.19
N GLY A 1061 -9.22 -29.59 -4.44
CA GLY A 1061 -8.68 -30.60 -5.33
C GLY A 1061 -8.85 -30.34 -6.81
N LYS A 1062 -9.21 -29.12 -7.20
CA LYS A 1062 -9.48 -28.80 -8.61
C LYS A 1062 -8.37 -27.98 -9.25
N PHE A 1063 -7.24 -27.78 -8.56
CA PHE A 1063 -6.12 -27.01 -9.11
C PHE A 1063 -5.03 -27.92 -9.71
N TYR A 1064 -5.26 -29.22 -9.78
CA TYR A 1064 -4.34 -30.12 -10.43
C TYR A 1064 -4.36 -29.93 -11.94
N LYS A 1065 -3.20 -30.15 -12.58
CA LYS A 1065 -3.11 -29.97 -14.02
C LYS A 1065 -2.01 -30.86 -14.55
N CYS A 1066 -2.01 -31.06 -15.86
CA CYS A 1066 -1.05 -31.92 -16.52
C CYS A 1066 0.04 -31.06 -17.15
N VAL A 1067 1.29 -31.37 -16.82
CA VAL A 1067 2.44 -30.61 -17.31
C VAL A 1067 3.50 -31.59 -17.79
N ASP A 1068 4.45 -31.06 -18.56
CA ASP A 1068 5.53 -31.83 -19.14
C ASP A 1068 6.84 -31.52 -18.43
N GLU A 1069 7.94 -32.08 -18.95
CA GLU A 1069 9.27 -31.82 -18.42
C GLU A 1069 9.44 -30.35 -18.06
N ASN A 1070 9.12 -29.46 -18.99
CA ASN A 1070 9.12 -28.03 -18.72
C ASN A 1070 7.77 -27.62 -18.14
N SER A 1071 7.80 -26.67 -17.21
CA SER A 1071 6.61 -26.28 -16.48
C SER A 1071 5.67 -25.47 -17.36
N THR A 1072 5.02 -26.13 -18.31
CA THR A 1072 4.03 -25.50 -19.17
C THR A 1072 2.80 -26.40 -19.25
N VAL A 1073 1.63 -25.78 -19.14
CA VAL A 1073 0.38 -26.55 -19.09
C VAL A 1073 0.02 -27.01 -20.49
N LEU A 1074 -0.35 -28.27 -20.60
CA LEU A 1074 -0.78 -28.84 -21.88
C LEU A 1074 -2.24 -28.47 -22.17
N SER A 1075 -2.57 -28.54 -23.45
CA SER A 1075 -3.95 -28.29 -23.87
C SER A 1075 -4.86 -29.44 -23.48
N HIS A 1076 -6.12 -29.10 -23.18
CA HIS A 1076 -7.08 -30.12 -22.78
C HIS A 1076 -7.36 -31.11 -23.90
N GLU A 1077 -7.12 -30.73 -25.16
CA GLU A 1077 -7.37 -31.65 -26.27
C GLU A 1077 -6.45 -32.87 -26.22
N ILE A 1078 -5.15 -32.67 -25.99
CA ILE A 1078 -4.24 -33.81 -25.98
C ILE A 1078 -4.48 -34.66 -24.73
N THR A 1079 -4.64 -34.02 -23.57
CA THR A 1079 -4.85 -34.71 -22.29
C THR A 1079 -6.19 -34.25 -21.73
N MET A 1080 -7.19 -35.14 -21.83
CA MET A 1080 -8.54 -34.82 -21.36
C MET A 1080 -8.66 -34.89 -19.84
N ASP A 1081 -7.93 -35.80 -19.19
CA ASP A 1081 -8.06 -35.99 -17.76
C ASP A 1081 -6.77 -36.60 -17.23
N ARG A 1082 -6.82 -37.06 -15.97
CA ARG A 1082 -5.62 -37.61 -15.33
C ARG A 1082 -5.14 -38.87 -16.03
N ASN A 1083 -6.06 -39.73 -16.44
CA ASN A 1083 -5.66 -41.01 -17.03
C ASN A 1083 -4.81 -40.79 -18.29
N ASP A 1084 -5.23 -39.87 -19.15
CA ASP A 1084 -4.44 -39.58 -20.35
C ASP A 1084 -3.09 -39.00 -19.97
N CYS A 1085 -3.05 -38.14 -18.95
CA CYS A 1085 -1.79 -37.53 -18.53
C CYS A 1085 -0.80 -38.60 -18.08
N LEU A 1086 -1.25 -39.55 -17.26
CA LEU A 1086 -0.35 -40.60 -16.79
C LEU A 1086 -0.02 -41.58 -17.90
N HIS A 1087 -0.95 -41.81 -18.83
CA HIS A 1087 -0.69 -42.73 -19.94
C HIS A 1087 0.45 -42.24 -20.81
N GLU A 1088 0.49 -40.94 -21.09
CA GLU A 1088 1.53 -40.33 -21.90
C GLU A 1088 2.76 -39.95 -21.09
N ASN A 1089 2.86 -40.41 -19.85
CA ASN A 1089 4.03 -40.18 -19.00
C ASN A 1089 4.27 -38.69 -18.79
N TYR A 1090 3.23 -37.99 -18.37
CA TYR A 1090 3.31 -36.59 -17.96
C TYR A 1090 3.15 -36.48 -16.45
N THR A 1091 3.21 -35.25 -15.95
CA THR A 1091 3.18 -34.98 -14.53
C THR A 1091 1.84 -34.36 -14.15
N TRP A 1092 1.16 -34.98 -13.19
CA TRP A 1092 -0.09 -34.45 -12.62
C TRP A 1092 0.28 -33.67 -11.38
N GLU A 1093 0.32 -32.34 -11.49
CA GLU A 1093 0.91 -31.49 -10.47
C GLU A 1093 -0.17 -30.58 -9.88
N ASN A 1094 -0.01 -30.27 -8.60
CA ASN A 1094 -0.90 -29.37 -7.88
C ASN A 1094 -0.26 -28.00 -7.76
N SER A 1095 -1.07 -26.95 -7.85
CA SER A 1095 -0.56 -25.61 -7.67
C SER A 1095 -0.08 -25.43 -6.23
N PRO A 1096 0.98 -24.66 -6.01
CA PRO A 1096 1.44 -24.45 -4.62
C PRO A 1096 0.38 -23.81 -3.75
N MET A 1097 -0.47 -22.95 -4.32
CA MET A 1097 -1.54 -22.30 -3.58
C MET A 1097 -2.85 -22.94 -3.98
N ASN A 1098 -3.60 -23.46 -3.01
CA ASN A 1098 -4.82 -24.18 -3.32
C ASN A 1098 -5.74 -24.12 -2.10
N PHE A 1099 -6.91 -24.75 -2.23
CA PHE A 1099 -7.90 -24.85 -1.18
C PHE A 1099 -8.14 -26.30 -0.79
N ASP A 1100 -7.06 -27.07 -0.70
CA ASP A 1100 -7.18 -28.49 -0.36
C ASP A 1100 -7.79 -28.68 1.02
N HIS A 1101 -7.35 -27.90 2.00
CA HIS A 1101 -7.90 -27.94 3.34
C HIS A 1101 -7.94 -26.52 3.89
N VAL A 1102 -8.32 -26.39 5.16
CA VAL A 1102 -8.64 -25.08 5.72
C VAL A 1102 -7.37 -24.22 5.83
N GLY A 1103 -6.24 -24.82 6.17
CA GLY A 1103 -5.02 -24.03 6.29
C GLY A 1103 -4.55 -23.46 4.98
N ASN A 1104 -4.57 -24.26 3.91
CA ASN A 1104 -4.24 -23.74 2.59
C ASN A 1104 -5.21 -22.64 2.18
N ALA A 1105 -6.50 -22.81 2.52
CA ALA A 1105 -7.48 -21.77 2.21
C ALA A 1105 -7.17 -20.48 2.96
N TYR A 1106 -6.79 -20.58 4.24
CA TYR A 1106 -6.40 -19.39 4.99
C TYR A 1106 -5.21 -18.70 4.35
N LEU A 1107 -4.20 -19.48 3.97
CA LEU A 1107 -3.00 -18.88 3.39
C LEU A 1107 -3.30 -18.23 2.06
N SER A 1108 -4.12 -18.88 1.23
CA SER A 1108 -4.51 -18.30 -0.06
C SER A 1108 -5.33 -17.03 0.13
N LEU A 1109 -6.23 -17.03 1.12
CA LEU A 1109 -7.04 -15.83 1.37
C LEU A 1109 -6.16 -14.70 1.86
N LEU A 1110 -5.13 -15.01 2.66
CA LEU A 1110 -4.18 -13.97 3.06
C LEU A 1110 -3.46 -13.41 1.85
N GLN A 1111 -3.07 -14.28 0.92
CA GLN A 1111 -2.45 -13.79 -0.32
C GLN A 1111 -3.40 -12.90 -1.10
N VAL A 1112 -4.67 -13.28 -1.19
CA VAL A 1112 -5.65 -12.51 -1.96
C VAL A 1112 -5.88 -11.15 -1.32
N ALA A 1113 -6.05 -11.12 0.01
CA ALA A 1113 -6.41 -9.87 0.68
C ALA A 1113 -5.31 -8.82 0.53
N THR A 1114 -4.05 -9.23 0.67
CA THR A 1114 -2.94 -8.31 0.53
C THR A 1114 -2.65 -7.94 -0.92
N PHE A 1115 -3.30 -8.60 -1.88
CA PHE A 1115 -3.09 -8.33 -3.30
C PHE A 1115 -1.67 -8.68 -3.72
N LYS A 1116 -1.23 -9.87 -3.33
CA LYS A 1116 0.10 -10.38 -3.68
C LYS A 1116 -0.06 -11.85 -4.02
N GLY A 1117 0.15 -12.21 -5.29
CA GLY A 1117 0.00 -13.58 -5.73
C GLY A 1117 -1.42 -13.97 -6.09
N TRP A 1118 -2.33 -13.01 -6.14
CA TRP A 1118 -3.75 -13.29 -6.39
C TRP A 1118 -4.05 -13.60 -7.85
N LEU A 1119 -3.25 -13.05 -8.79
CA LEU A 1119 -3.47 -13.36 -10.20
C LEU A 1119 -3.48 -14.87 -10.45
N GLN A 1120 -2.44 -15.57 -9.99
CA GLN A 1120 -2.36 -17.00 -10.22
C GLN A 1120 -3.49 -17.73 -9.50
N ILE A 1121 -3.83 -17.30 -8.30
CA ILE A 1121 -4.86 -17.99 -7.51
C ILE A 1121 -6.18 -17.96 -8.26
N MET A 1122 -6.63 -16.79 -8.69
CA MET A 1122 -7.90 -16.75 -9.40
C MET A 1122 -7.78 -17.25 -10.84
N ASN A 1123 -6.60 -17.25 -11.43
CA ASN A 1123 -6.43 -17.91 -12.72
C ASN A 1123 -6.71 -19.40 -12.61
N ASP A 1124 -6.17 -20.03 -11.57
CA ASP A 1124 -6.49 -21.44 -11.32
C ASP A 1124 -7.96 -21.60 -10.99
N ALA A 1125 -8.53 -20.68 -10.21
CA ALA A 1125 -9.91 -20.83 -9.79
C ALA A 1125 -10.86 -20.79 -10.98
N ILE A 1126 -10.65 -19.84 -11.90
CA ILE A 1126 -11.60 -19.67 -13.00
C ILE A 1126 -11.49 -20.81 -14.01
N ASP A 1127 -10.33 -21.48 -14.08
CA ASP A 1127 -10.14 -22.62 -14.95
C ASP A 1127 -10.51 -23.94 -14.29
N SER A 1128 -10.93 -23.92 -13.03
CA SER A 1128 -11.21 -25.15 -12.32
C SER A 1128 -12.39 -25.88 -12.94
N ARG A 1129 -12.26 -27.20 -13.08
CA ARG A 1129 -13.34 -28.06 -13.55
C ARG A 1129 -13.55 -29.21 -12.58
N GLU A 1130 -14.33 -30.22 -12.99
CA GLU A 1130 -14.55 -31.38 -12.15
C GLU A 1130 -13.21 -32.00 -11.77
N VAL A 1131 -13.21 -32.70 -10.63
CA VAL A 1131 -11.97 -33.30 -10.14
C VAL A 1131 -11.48 -34.34 -11.15
N HIS A 1132 -10.16 -34.44 -11.28
CA HIS A 1132 -9.52 -35.35 -12.23
C HIS A 1132 -9.81 -34.93 -13.67
N LYS A 1133 -9.86 -33.62 -13.92
CA LYS A 1133 -10.09 -33.09 -15.25
C LYS A 1133 -9.11 -31.96 -15.53
N GLN A 1134 -8.65 -31.88 -16.77
CA GLN A 1134 -7.70 -30.84 -17.16
C GLN A 1134 -8.40 -29.48 -17.15
N PRO A 1135 -7.85 -28.47 -16.46
CA PRO A 1135 -8.47 -27.14 -16.48
C PRO A 1135 -8.47 -26.55 -17.87
N ILE A 1136 -9.47 -25.71 -18.13
CA ILE A 1136 -9.62 -25.01 -19.41
C ILE A 1136 -9.66 -23.51 -19.14
N ARG A 1137 -9.16 -22.75 -20.11
CA ARG A 1137 -9.03 -21.31 -19.95
C ARG A 1137 -10.40 -20.65 -19.79
N GLU A 1138 -10.61 -20.02 -18.64
CA GLU A 1138 -11.81 -19.21 -18.39
C GLU A 1138 -13.08 -20.04 -18.59
N THR A 1139 -13.05 -21.29 -18.13
CA THR A 1139 -14.25 -22.12 -18.19
C THR A 1139 -15.17 -21.90 -17.00
N ASN A 1140 -14.72 -21.20 -15.96
CA ASN A 1140 -15.51 -20.91 -14.77
C ASN A 1140 -15.38 -19.43 -14.41
N ILE A 1141 -15.60 -18.57 -15.41
CA ILE A 1141 -15.27 -17.15 -15.27
C ILE A 1141 -16.00 -16.55 -14.07
N TYR A 1142 -17.30 -16.83 -13.95
CA TYR A 1142 -18.11 -16.16 -12.93
C TYR A 1142 -17.59 -16.39 -11.52
N MET A 1143 -16.68 -17.34 -11.34
CA MET A 1143 -16.11 -17.57 -10.02
C MET A 1143 -15.43 -16.33 -9.47
N TYR A 1144 -15.02 -15.39 -10.33
CA TYR A 1144 -14.48 -14.13 -9.82
C TYR A 1144 -15.40 -13.54 -8.74
N LEU A 1145 -16.71 -13.69 -8.90
CA LEU A 1145 -17.64 -13.14 -7.93
C LEU A 1145 -17.25 -13.56 -6.51
N TYR A 1146 -16.96 -14.85 -6.32
CA TYR A 1146 -16.61 -15.34 -5.00
C TYR A 1146 -15.50 -14.51 -4.39
N PHE A 1147 -14.50 -14.14 -5.20
CA PHE A 1147 -13.39 -13.34 -4.69
C PHE A 1147 -13.83 -11.90 -4.45
N ILE A 1148 -14.61 -11.32 -5.37
CA ILE A 1148 -15.00 -9.92 -5.23
C ILE A 1148 -15.56 -9.68 -3.84
N PHE A 1149 -16.58 -10.46 -3.49
CA PHE A 1149 -17.22 -10.33 -2.18
C PHE A 1149 -16.17 -10.37 -1.08
N PHE A 1150 -15.29 -11.38 -1.11
CA PHE A 1150 -14.26 -11.47 -0.08
C PHE A 1150 -13.44 -10.19 -0.02
N ILE A 1151 -12.97 -9.72 -1.18
CA ILE A 1151 -12.16 -8.51 -1.20
C ILE A 1151 -12.96 -7.34 -0.62
N VAL A 1152 -14.26 -7.30 -0.89
CA VAL A 1152 -15.10 -6.25 -0.33
C VAL A 1152 -15.17 -6.38 1.20
N PHE A 1153 -15.31 -7.60 1.71
CA PHE A 1153 -15.54 -7.80 3.14
C PHE A 1153 -14.28 -8.18 3.91
N GLY A 1154 -13.22 -8.59 3.21
CA GLY A 1154 -12.00 -9.00 3.89
C GLY A 1154 -10.93 -7.94 3.91
N SER A 1155 -10.88 -7.11 2.87
CA SER A 1155 -9.85 -6.09 2.71
C SER A 1155 -10.36 -4.69 2.95
N PHE A 1156 -11.50 -4.32 2.36
CA PHE A 1156 -11.99 -2.96 2.46
C PHE A 1156 -12.60 -2.65 3.81
N PHE A 1157 -12.98 -3.66 4.59
CA PHE A 1157 -13.62 -3.45 5.89
C PHE A 1157 -12.77 -3.94 7.05
N ILE A 1158 -12.37 -5.23 7.04
CA ILE A 1158 -11.68 -5.80 8.19
C ILE A 1158 -10.29 -5.20 8.34
N LEU A 1159 -9.54 -5.14 7.25
CA LEU A 1159 -8.15 -4.69 7.31
C LEU A 1159 -8.02 -3.20 7.59
N LYS A 1160 -9.11 -2.43 7.48
CA LYS A 1160 -9.07 -1.00 7.68
C LYS A 1160 -9.44 -0.58 9.10
N LEU A 1161 -9.72 -1.53 9.99
CA LEU A 1161 -10.03 -1.19 11.38
C LEU A 1161 -8.77 -0.82 12.16
N PHE A 1162 -7.62 -1.38 11.78
CA PHE A 1162 -6.38 -1.09 12.50
C PHE A 1162 -6.05 0.39 12.43
N VAL A 1163 -6.17 0.99 11.25
CA VAL A 1163 -5.82 2.40 11.10
C VAL A 1163 -6.76 3.27 11.94
N CYS A 1164 -8.05 2.96 11.95
CA CYS A 1164 -8.99 3.73 12.76
C CYS A 1164 -8.67 3.61 14.24
N ILE A 1165 -8.39 2.40 14.71
CA ILE A 1165 -8.05 2.18 16.11
C ILE A 1165 -6.81 3.00 16.47
N LEU A 1166 -5.79 2.93 15.62
CA LEU A 1166 -4.56 3.66 15.90
C LEU A 1166 -4.80 5.16 15.90
N ILE A 1167 -5.62 5.66 14.97
CA ILE A 1167 -5.93 7.08 14.93
C ILE A 1167 -6.56 7.51 16.25
N ASP A 1168 -7.58 6.79 16.69
CA ASP A 1168 -8.29 7.18 17.92
C ASP A 1168 -7.35 7.13 19.13
N ILE A 1169 -6.61 6.03 19.27
CA ILE A 1169 -5.76 5.87 20.44
C ILE A 1169 -4.64 6.92 20.44
N PHE A 1170 -4.09 7.23 19.27
CA PHE A 1170 -3.05 8.25 19.21
C PHE A 1170 -3.61 9.63 19.53
N ARG A 1171 -4.84 9.92 19.09
CA ARG A 1171 -5.46 11.19 19.46
C ARG A 1171 -5.57 11.30 20.98
N GLN A 1172 -6.08 10.25 21.62
CA GLN A 1172 -6.20 10.28 23.08
C GLN A 1172 -4.83 10.43 23.75
N GLN A 1173 -3.83 9.69 23.26
CA GLN A 1173 -2.52 9.72 23.90
C GLN A 1173 -1.83 11.06 23.71
N ARG A 1174 -1.98 11.67 22.54
CA ARG A 1174 -1.41 13.00 22.32
C ARG A 1174 -2.10 14.04 23.18
N ARG A 1175 -3.42 13.93 23.35
CA ARG A 1175 -4.11 14.81 24.28
C ARG A 1175 -3.54 14.64 25.69
N LYS A 1176 -3.30 13.40 26.10
CA LYS A 1176 -2.74 13.12 27.41
C LYS A 1176 -1.34 13.71 27.56
N ALA A 1177 -0.49 13.58 26.54
CA ALA A 1177 0.91 13.98 26.67
C ALA A 1177 1.04 15.48 26.89
N GLU A 1178 0.24 16.28 26.18
CA GLU A 1178 0.32 17.73 26.27
C GLU A 1178 -0.27 18.29 27.55
N GLY A 1179 -0.80 17.44 28.43
CA GLY A 1179 -1.41 17.92 29.66
C GLY A 1179 -2.84 18.38 29.51
N LEU A 1180 -3.42 18.25 28.33
CA LEU A 1180 -4.80 18.68 28.11
C LEU A 1180 -5.78 17.77 28.82
N SER A 1181 -6.92 18.34 29.20
CA SER A 1181 -7.96 17.58 29.89
C SER A 1181 -8.84 16.85 28.89
N ALA A 1182 -9.19 15.61 29.22
CA ALA A 1182 -9.99 14.79 28.32
C ALA A 1182 -11.46 15.24 28.28
N THR A 1183 -11.91 15.97 29.29
CA THR A 1183 -13.31 16.40 29.35
C THR A 1183 -13.58 17.67 28.56
N ASP A 1184 -12.53 18.37 28.12
CA ASP A 1184 -12.72 19.63 27.40
C ASP A 1184 -13.20 19.36 25.97
N SER A 1185 -13.91 20.34 25.42
CA SER A 1185 -14.44 20.25 24.06
C SER A 1185 -13.48 20.90 23.07
N ARG A 1186 -13.76 20.68 21.78
CA ARG A 1186 -12.84 21.12 20.74
C ARG A 1186 -12.69 22.63 20.74
N THR A 1187 -13.79 23.36 20.88
CA THR A 1187 -13.72 24.82 20.88
C THR A 1187 -12.87 25.33 22.04
N GLN A 1188 -12.99 24.69 23.20
CA GLN A 1188 -12.18 25.09 24.35
C GLN A 1188 -10.70 24.93 24.05
N LEU A 1189 -10.33 23.81 23.43
CA LEU A 1189 -8.93 23.58 23.08
C LEU A 1189 -8.44 24.59 22.04
N ILE A 1190 -9.29 24.90 21.06
CA ILE A 1190 -8.91 25.88 20.04
C ILE A 1190 -8.65 27.24 20.67
N TYR A 1191 -9.54 27.67 21.58
CA TYR A 1191 -9.35 28.95 22.23
C TYR A 1191 -8.12 28.94 23.14
N ARG A 1192 -7.85 27.80 23.79
CA ARG A 1192 -6.64 27.68 24.60
C ARG A 1192 -5.38 27.84 23.74
N ARG A 1193 -5.37 27.19 22.57
CA ARG A 1193 -4.24 27.36 21.66
C ARG A 1193 -4.11 28.81 21.21
N ALA A 1194 -5.24 29.46 20.93
CA ALA A 1194 -5.20 30.86 20.53
C ALA A 1194 -4.59 31.73 21.62
N VAL A 1195 -4.98 31.49 22.88
CA VAL A 1195 -4.42 32.28 23.97
C VAL A 1195 -2.93 32.02 24.11
N MET A 1196 -2.52 30.74 24.09
CA MET A 1196 -1.10 30.44 24.24
C MET A 1196 -0.27 31.08 23.14
N ARG A 1197 -0.77 31.07 21.90
CA ARG A 1197 -0.05 31.74 20.82
C ARG A 1197 -0.03 33.25 21.03
N THR A 1198 -1.14 33.83 21.50
CA THR A 1198 -1.19 35.26 21.75
C THR A 1198 -0.18 35.68 22.80
N MET A 1199 0.12 34.80 23.77
CA MET A 1199 1.03 35.17 24.84
C MET A 1199 2.39 35.59 24.29
N SER A 1200 2.91 34.85 23.31
CA SER A 1200 4.26 35.07 22.79
C SER A 1200 4.15 35.82 21.47
N ALA A 1201 4.70 37.04 21.43
CA ALA A 1201 4.75 37.82 20.21
C ALA A 1201 5.64 39.05 20.38
N LYS A 1202 6.55 39.29 19.43
CA LYS A 1202 7.45 40.44 19.49
C LYS A 1202 7.64 41.00 18.09
N PRO A 1203 7.52 42.33 17.90
CA PRO A 1203 7.71 42.91 16.57
C PRO A 1203 9.16 43.31 16.31
N VAL A 1204 9.43 43.82 15.10
CA VAL A 1204 10.75 44.30 14.74
C VAL A 1204 10.63 45.15 13.49
N LYS A 1205 11.55 46.10 13.32
CA LYS A 1205 11.55 47.00 12.18
C LYS A 1205 12.97 47.10 11.62
N ARG A 1206 13.06 47.31 10.31
CA ARG A 1206 14.33 47.49 9.63
C ARG A 1206 14.45 48.93 9.15
N ILE A 1207 15.60 49.55 9.43
CA ILE A 1207 15.84 50.96 9.09
C ILE A 1207 16.17 51.04 7.59
N PRO A 1208 15.42 51.79 6.80
CA PRO A 1208 15.81 51.99 5.40
C PRO A 1208 17.18 52.67 5.30
N LYS A 1209 17.93 52.30 4.26
CA LYS A 1209 19.25 52.86 4.03
C LYS A 1209 19.14 54.34 3.63
N ASN A 1212 24.24 57.04 0.84
CA ASN A 1212 23.08 56.46 1.50
C ASN A 1212 21.86 56.50 0.58
N LYS A 1213 21.80 57.51 -0.28
CA LYS A 1213 20.67 57.64 -1.20
C LYS A 1213 20.61 56.45 -2.15
N ILE A 1214 21.75 56.04 -2.69
CA ILE A 1214 21.78 54.88 -3.58
C ILE A 1214 21.39 53.61 -2.82
N GLN A 1215 21.92 53.45 -1.61
CA GLN A 1215 21.56 52.28 -0.80
C GLN A 1215 20.07 52.28 -0.48
N GLY A 1216 19.51 53.45 -0.15
CA GLY A 1216 18.08 53.53 0.12
C GLY A 1216 17.25 53.20 -1.10
N CYS A 1217 17.67 53.67 -2.26
CA CYS A 1217 16.96 53.35 -3.50
C CYS A 1217 17.01 51.85 -3.78
N ILE A 1218 18.18 51.22 -3.57
CA ILE A 1218 18.28 49.78 -3.75
C ILE A 1218 17.38 49.05 -2.77
N PHE A 1219 17.33 49.51 -1.53
CA PHE A 1219 16.44 48.91 -0.54
C PHE A 1219 14.99 49.00 -0.98
N ASP A 1220 14.58 50.18 -1.44
CA ASP A 1220 13.20 50.35 -1.89
C ASP A 1220 12.89 49.44 -3.07
N LEU A 1221 13.81 49.34 -4.02
CA LEU A 1221 13.60 48.47 -5.18
C LEU A 1221 13.48 47.02 -4.75
N VAL A 1222 14.35 46.58 -3.83
CA VAL A 1222 14.36 45.18 -3.42
C VAL A 1222 13.09 44.85 -2.63
N THR A 1223 12.64 45.76 -1.78
CA THR A 1223 11.47 45.49 -0.94
C THR A 1223 10.19 45.31 -1.75
N ASN A 1224 10.19 45.70 -3.02
CA ASN A 1224 8.99 45.60 -3.84
C ASN A 1224 8.64 44.13 -4.09
N GLN A 1225 7.34 43.88 -4.30
CA GLN A 1225 6.87 42.53 -4.55
C GLN A 1225 7.20 42.06 -5.97
N ALA A 1226 7.21 42.98 -6.93
CA ALA A 1226 7.55 42.60 -8.30
C ALA A 1226 8.91 41.94 -8.36
N PHE A 1227 9.84 42.35 -7.50
CA PHE A 1227 11.15 41.69 -7.45
C PHE A 1227 11.00 40.22 -7.10
N ASP A 1228 10.22 39.91 -6.07
CA ASP A 1228 10.00 38.53 -5.69
C ASP A 1228 9.29 37.76 -6.81
N ILE A 1229 8.32 38.38 -7.47
CA ILE A 1229 7.63 37.72 -8.58
C ILE A 1229 8.61 37.39 -9.69
N SER A 1230 9.50 38.33 -10.02
CA SER A 1230 10.49 38.09 -11.06
C SER A 1230 11.44 36.96 -10.66
N ILE A 1231 11.85 36.91 -9.39
CA ILE A 1231 12.73 35.82 -8.94
C ILE A 1231 12.01 34.49 -9.06
N MET A 1232 10.73 34.45 -8.71
CA MET A 1232 9.96 33.22 -8.87
C MET A 1232 9.88 32.80 -10.33
N VAL A 1233 9.65 33.75 -11.22
CA VAL A 1233 9.59 33.42 -12.65
C VAL A 1233 10.93 32.86 -13.12
N LEU A 1234 12.03 33.47 -12.66
CA LEU A 1234 13.35 32.96 -13.03
C LEU A 1234 13.57 31.55 -12.50
N ILE A 1235 13.10 31.27 -11.29
CA ILE A 1235 13.21 29.92 -10.73
C ILE A 1235 12.43 28.94 -11.58
N CYS A 1236 11.22 29.32 -12.01
CA CYS A 1236 10.44 28.46 -12.88
C CYS A 1236 11.15 28.20 -14.20
N LEU A 1237 11.75 29.25 -14.78
CA LEU A 1237 12.48 29.08 -16.03
C LEU A 1237 13.66 28.12 -15.85
N ASN A 1238 14.40 28.26 -14.75
CA ASN A 1238 15.53 27.36 -14.51
C ASN A 1238 15.05 25.93 -14.31
N MET A 1239 13.92 25.75 -13.62
CA MET A 1239 13.39 24.40 -13.44
C MET A 1239 13.00 23.79 -14.77
N VAL A 1240 12.37 24.56 -15.65
CA VAL A 1240 12.05 24.05 -16.98
C VAL A 1240 13.32 23.67 -17.73
N THR A 1241 14.33 24.54 -17.66
CA THR A 1241 15.61 24.23 -18.32
C THR A 1241 16.18 22.92 -17.81
N MET A 1242 16.07 22.67 -16.50
CA MET A 1242 16.48 21.38 -15.96
C MET A 1242 15.65 20.25 -16.54
N MET A 1243 14.33 20.47 -16.69
CA MET A 1243 13.49 19.44 -17.28
C MET A 1243 13.92 19.12 -18.71
N VAL A 1244 14.53 20.08 -19.41
CA VAL A 1244 14.86 19.86 -20.83
C VAL A 1244 15.81 18.67 -21.00
N GLU A 1245 16.63 18.37 -19.98
CA GLU A 1245 17.65 17.34 -20.13
C GLU A 1245 17.03 15.98 -20.42
N LYS A 1246 17.72 15.18 -21.24
CA LYS A 1246 17.26 13.84 -21.56
C LYS A 1246 18.46 12.95 -21.88
N GLU A 1247 18.22 11.64 -21.81
CA GLU A 1247 19.26 10.66 -22.09
C GLU A 1247 19.63 10.66 -23.57
N GLY A 1248 20.91 10.50 -23.85
CA GLY A 1248 21.39 10.42 -25.21
C GLY A 1248 21.45 11.74 -25.93
N GLN A 1249 21.49 12.85 -25.20
CA GLN A 1249 21.58 14.15 -25.83
C GLN A 1249 22.99 14.39 -26.37
N SER A 1250 23.09 15.36 -27.27
CA SER A 1250 24.38 15.73 -27.85
C SER A 1250 25.21 16.53 -26.87
N GLN A 1251 26.52 16.57 -27.11
CA GLN A 1251 27.42 17.34 -26.26
C GLN A 1251 27.08 18.82 -26.31
N HIS A 1252 26.69 19.32 -27.49
CA HIS A 1252 26.34 20.73 -27.62
C HIS A 1252 25.18 21.09 -26.71
N MET A 1253 24.13 20.26 -26.71
CA MET A 1253 22.98 20.53 -25.87
C MET A 1253 23.38 20.52 -24.39
N THR A 1254 24.20 19.56 -23.99
CA THR A 1254 24.64 19.48 -22.60
C THR A 1254 25.39 20.74 -22.19
N GLU A 1255 26.33 21.17 -23.03
CA GLU A 1255 27.12 22.35 -22.68
C GLU A 1255 26.28 23.61 -22.67
N VAL A 1256 25.33 23.73 -23.60
CA VAL A 1256 24.46 24.90 -23.60
C VAL A 1256 23.59 24.92 -22.36
N LEU A 1257 23.06 23.76 -21.96
CA LEU A 1257 22.26 23.69 -20.73
C LEU A 1257 23.10 24.06 -19.51
N TYR A 1258 24.34 23.57 -19.46
CA TYR A 1258 25.21 23.91 -18.34
C TYR A 1258 25.50 25.41 -18.30
N TRP A 1259 25.73 26.02 -19.46
CA TRP A 1259 25.98 27.47 -19.48
C TRP A 1259 24.74 28.24 -19.05
N ILE A 1260 23.55 27.80 -19.46
CA ILE A 1260 22.33 28.44 -19.02
C ILE A 1260 22.20 28.34 -17.51
N ASN A 1261 22.53 27.18 -16.95
CA ASN A 1261 22.52 27.02 -15.50
C ASN A 1261 23.51 27.96 -14.83
N VAL A 1262 24.68 28.14 -15.44
CA VAL A 1262 25.67 29.06 -14.90
C VAL A 1262 25.10 30.49 -14.88
N VAL A 1263 24.46 30.90 -15.97
CA VAL A 1263 23.86 32.23 -16.00
C VAL A 1263 22.81 32.38 -14.91
N PHE A 1264 21.97 31.36 -14.74
CA PHE A 1264 20.96 31.41 -13.68
C PHE A 1264 21.61 31.55 -12.31
N ILE A 1265 22.70 30.81 -12.08
CA ILE A 1265 23.39 30.87 -10.79
C ILE A 1265 23.95 32.27 -10.57
N ILE A 1266 24.52 32.88 -11.62
CA ILE A 1266 25.08 34.22 -11.47
C ILE A 1266 23.97 35.23 -11.19
N LEU A 1267 22.81 35.06 -11.82
CA LEU A 1267 21.69 35.95 -11.53
C LEU A 1267 21.25 35.82 -10.08
N PHE A 1268 21.16 34.59 -9.58
CA PHE A 1268 20.79 34.39 -8.19
C PHE A 1268 21.84 34.99 -7.25
N THR A 1269 23.12 34.86 -7.60
CA THR A 1269 24.17 35.45 -6.80
C THR A 1269 24.04 36.97 -6.76
N GLY A 1270 23.76 37.58 -7.91
CA GLY A 1270 23.55 39.01 -7.93
C GLY A 1270 22.38 39.45 -7.08
N GLU A 1271 21.27 38.68 -7.15
CA GLU A 1271 20.12 38.97 -6.29
C GLU A 1271 20.50 38.89 -4.82
N CYS A 1272 21.24 37.85 -4.45
CA CYS A 1272 21.63 37.68 -3.06
C CYS A 1272 22.52 38.83 -2.59
N VAL A 1273 23.47 39.24 -3.43
CA VAL A 1273 24.36 40.33 -3.05
C VAL A 1273 23.59 41.64 -2.92
N LEU A 1274 22.68 41.90 -3.85
CA LEU A 1274 21.86 43.12 -3.76
C LEU A 1274 21.04 43.12 -2.48
N LYS A 1275 20.43 41.98 -2.14
CA LYS A 1275 19.66 41.90 -0.91
C LYS A 1275 20.55 42.11 0.31
N LEU A 1276 21.75 41.53 0.29
CA LEU A 1276 22.67 41.68 1.42
C LEU A 1276 23.05 43.15 1.63
N ILE A 1277 23.40 43.84 0.54
CA ILE A 1277 23.76 45.25 0.67
C ILE A 1277 22.56 46.07 1.13
N SER A 1278 21.38 45.80 0.57
CA SER A 1278 20.20 46.57 0.92
C SER A 1278 19.86 46.42 2.40
N LEU A 1279 19.89 45.19 2.91
CA LEU A 1279 19.50 44.91 4.28
C LEU A 1279 20.66 44.93 5.26
N ARG A 1280 21.87 45.26 4.79
CA ARG A 1280 23.05 45.30 5.65
C ARG A 1280 23.17 44.01 6.45
N HIS A 1281 23.05 44.09 7.79
CA HIS A 1281 23.18 42.92 8.64
C HIS A 1281 21.86 42.30 9.05
N TYR A 1282 20.74 42.91 8.65
CA TYR A 1282 19.41 42.36 8.94
C TYR A 1282 19.06 41.17 8.08
N TYR A 1283 19.87 40.87 7.05
CA TYR A 1283 19.58 39.75 6.16
C TYR A 1283 19.40 38.45 6.92
N PHE A 1284 20.09 38.30 8.06
CA PHE A 1284 20.07 37.06 8.81
C PHE A 1284 18.99 37.05 9.90
N THR A 1285 18.06 37.99 9.88
CA THR A 1285 16.94 37.99 10.82
C THR A 1285 15.72 37.24 10.29
N VAL A 1286 15.80 36.69 9.08
CA VAL A 1286 14.71 35.91 8.50
C VAL A 1286 15.28 34.57 8.08
N GLY A 1287 14.68 33.48 8.56
CA GLY A 1287 15.24 32.16 8.31
C GLY A 1287 15.36 31.86 6.83
N TRP A 1288 14.37 32.26 6.04
CA TRP A 1288 14.42 32.00 4.60
C TRP A 1288 15.61 32.71 3.96
N ASN A 1289 16.04 33.85 4.52
CA ASN A 1289 17.22 34.52 3.98
C ASN A 1289 18.49 33.70 4.23
N ILE A 1290 18.60 33.09 5.41
CA ILE A 1290 19.71 32.16 5.65
C ILE A 1290 19.63 30.98 4.71
N PHE A 1291 18.42 30.47 4.47
CA PHE A 1291 18.26 29.39 3.50
C PHE A 1291 18.80 29.79 2.13
N ASP A 1292 18.42 30.99 1.67
CA ASP A 1292 18.87 31.45 0.36
C ASP A 1292 20.39 31.61 0.33
N PHE A 1293 20.95 32.17 1.39
CA PHE A 1293 22.40 32.38 1.45
C PHE A 1293 23.15 31.05 1.40
N VAL A 1294 22.67 30.06 2.17
CA VAL A 1294 23.30 28.75 2.17
C VAL A 1294 23.18 28.10 0.80
N VAL A 1295 22.01 28.21 0.17
CA VAL A 1295 21.85 27.62 -1.15
C VAL A 1295 22.78 28.28 -2.14
N VAL A 1296 22.97 29.60 -2.02
CA VAL A 1296 23.88 30.31 -2.91
C VAL A 1296 25.30 29.79 -2.75
N ILE A 1297 25.76 29.64 -1.51
CA ILE A 1297 27.11 29.13 -1.30
C ILE A 1297 27.24 27.71 -1.85
N ILE A 1298 26.25 26.86 -1.56
CA ILE A 1298 26.31 25.48 -2.03
C ILE A 1298 26.34 25.42 -3.54
N SER A 1299 25.52 26.24 -4.21
CA SER A 1299 25.53 26.25 -5.67
C SER A 1299 26.88 26.70 -6.21
N ILE A 1300 27.40 27.82 -5.72
CA ILE A 1300 28.66 28.32 -6.27
C ILE A 1300 29.84 27.41 -5.93
N VAL A 1301 29.71 26.55 -4.93
CA VAL A 1301 30.79 25.61 -4.63
C VAL A 1301 30.67 24.33 -5.45
N GLY A 1302 29.49 23.72 -5.46
CA GLY A 1302 29.29 22.51 -6.23
C GLY A 1302 29.46 22.72 -7.72
N MET A 1303 29.09 23.91 -8.22
CA MET A 1303 29.24 24.20 -9.63
C MET A 1303 30.70 24.10 -10.06
N PHE A 1304 31.61 24.66 -9.27
CA PHE A 1304 33.03 24.57 -9.59
C PHE A 1304 33.57 23.17 -9.33
N LEU A 1305 33.11 22.53 -8.25
CA LEU A 1305 33.62 21.19 -7.94
C LEU A 1305 33.22 20.17 -9.00
N ALA A 1306 32.11 20.39 -9.70
CA ALA A 1306 31.67 19.43 -10.70
C ALA A 1306 32.68 19.30 -11.83
N ASP A 1307 33.24 20.42 -12.30
CA ASP A 1307 34.23 20.34 -13.36
C ASP A 1307 35.44 19.54 -12.94
N LEU A 1308 35.94 19.78 -11.73
CA LEU A 1308 37.13 19.07 -11.27
C LEU A 1308 36.85 17.58 -11.11
N ILE A 1309 35.69 17.23 -10.58
CA ILE A 1309 35.35 15.81 -10.44
C ILE A 1309 35.22 15.15 -11.80
N GLU A 1310 34.52 15.81 -12.75
CA GLU A 1310 34.32 15.20 -14.06
C GLU A 1310 35.62 15.07 -14.82
N THR A 1311 36.52 16.06 -14.69
CA THR A 1311 37.77 16.04 -15.44
C THR A 1311 38.62 14.83 -15.06
N TYR A 1312 38.68 14.52 -13.76
CA TYR A 1312 39.48 13.41 -13.27
C TYR A 1312 38.60 12.38 -12.59
N SER A 1315 34.50 9.23 -10.42
CA SER A 1315 33.55 8.21 -10.85
C SER A 1315 32.25 8.85 -11.31
N PRO A 1316 31.63 8.30 -12.37
CA PRO A 1316 30.37 8.88 -12.83
C PRO A 1316 29.29 8.88 -11.76
N THR A 1317 29.22 7.84 -10.93
CA THR A 1317 28.24 7.81 -9.86
C THR A 1317 28.48 8.92 -8.85
N LEU A 1318 29.75 9.14 -8.49
CA LEU A 1318 30.06 10.22 -7.55
C LEU A 1318 29.70 11.57 -8.15
N PHE A 1319 30.02 11.78 -9.43
CA PHE A 1319 29.66 13.02 -10.10
C PHE A 1319 28.15 13.23 -10.08
N ARG A 1320 27.40 12.19 -10.41
CA ARG A 1320 25.94 12.31 -10.40
C ARG A 1320 25.44 12.66 -9.01
N VAL A 1321 25.98 12.01 -7.99
CA VAL A 1321 25.50 12.25 -6.64
C VAL A 1321 25.81 13.68 -6.21
N ILE A 1322 27.03 14.14 -6.45
CA ILE A 1322 27.37 15.49 -6.00
C ILE A 1322 26.69 16.56 -6.85
N ARG A 1323 26.23 16.21 -8.05
CA ARG A 1323 25.45 17.17 -8.83
C ARG A 1323 24.05 17.38 -8.27
N LEU A 1324 23.68 16.71 -7.19
CA LEU A 1324 22.38 16.92 -6.55
C LEU A 1324 22.23 18.33 -5.96
N ALA A 1325 23.33 19.07 -5.80
CA ALA A 1325 23.25 20.38 -5.18
C ALA A 1325 22.39 21.35 -5.96
N ARG A 1326 22.13 21.08 -7.25
CA ARG A 1326 21.29 21.96 -8.05
C ARG A 1326 19.85 22.01 -7.56
N ILE A 1327 19.40 20.99 -6.81
CA ILE A 1327 18.02 20.97 -6.34
C ILE A 1327 17.75 22.07 -5.33
N GLY A 1328 18.77 22.56 -4.65
CA GLY A 1328 18.56 23.56 -3.61
C GLY A 1328 18.00 24.86 -4.18
N ARG A 1329 18.52 25.32 -5.31
CA ARG A 1329 18.08 26.59 -5.88
C ARG A 1329 16.66 26.50 -6.44
N ILE A 1330 16.20 25.31 -6.80
CA ILE A 1330 14.81 25.16 -7.23
C ILE A 1330 13.87 24.83 -6.08
N LEU A 1331 14.40 24.41 -4.93
CA LEU A 1331 13.56 24.21 -3.75
C LEU A 1331 12.95 25.51 -3.24
N ARG A 1332 13.45 26.66 -3.69
CA ARG A 1332 12.95 27.96 -3.23
C ARG A 1332 11.54 28.26 -3.73
N LEU A 1333 11.01 27.49 -4.67
CA LEU A 1333 9.70 27.80 -5.25
C LEU A 1333 8.57 27.69 -4.25
N VAL A 1334 8.74 26.90 -3.19
CA VAL A 1334 7.67 26.75 -2.19
C VAL A 1334 7.42 28.06 -1.46
N LYS A 1335 8.42 28.93 -1.35
CA LYS A 1335 8.26 30.19 -0.65
C LYS A 1335 7.13 31.01 -1.26
N GLY A 1336 6.30 31.60 -0.41
CA GLY A 1336 5.24 32.48 -0.83
C GLY A 1336 3.87 31.85 -0.88
N ALA A 1337 3.80 30.52 -0.86
CA ALA A 1337 2.53 29.83 -0.93
C ALA A 1337 1.82 29.88 0.43
N LYS A 1338 0.51 29.67 0.40
CA LYS A 1338 -0.32 29.70 1.60
C LYS A 1338 -0.75 28.29 2.03
N GLY A 1339 -1.41 27.56 1.13
CA GLY A 1339 -1.79 26.19 1.47
C GLY A 1339 -0.60 25.27 1.62
N ILE A 1340 0.37 25.40 0.72
CA ILE A 1340 1.60 24.62 0.85
C ILE A 1340 2.31 24.99 2.14
N ARG A 1341 2.28 26.27 2.51
CA ARG A 1341 2.88 26.67 3.78
C ARG A 1341 2.19 25.99 4.94
N LEU A 1342 0.85 25.92 4.91
CA LEU A 1342 0.11 25.27 5.99
C LEU A 1342 0.45 23.78 6.07
N LEU A 1343 0.50 23.11 4.93
CA LEU A 1343 0.83 21.69 4.92
C LEU A 1343 2.24 21.45 5.44
N LEU A 1344 3.18 22.30 5.04
CA LEU A 1344 4.55 22.18 5.55
C LEU A 1344 4.61 22.46 7.04
N LEU A 1345 3.77 23.37 7.53
CA LEU A 1345 3.69 23.63 8.96
C LEU A 1345 3.23 22.38 9.72
N ALA A 1346 2.19 21.72 9.21
CA ALA A 1346 1.72 20.49 9.84
C ALA A 1346 2.82 19.43 9.81
N LEU A 1347 3.50 19.29 8.68
CA LEU A 1347 4.56 18.30 8.56
C LEU A 1347 5.70 18.61 9.53
N ARG A 1348 6.07 19.88 9.69
CA ARG A 1348 7.12 20.22 10.62
C ARG A 1348 6.72 19.92 12.06
N LYS A 1349 5.46 20.17 12.43
CA LYS A 1349 5.03 19.80 13.77
C LYS A 1349 5.06 18.29 13.98
N ALA A 1350 4.72 17.51 12.96
CA ALA A 1350 4.68 16.06 13.11
C ALA A 1350 6.02 15.38 12.85
N LEU A 1351 7.03 16.14 12.43
CA LEU A 1351 8.31 15.55 12.04
C LEU A 1351 8.91 14.68 13.15
N ARG A 1352 8.86 15.15 14.39
CA ARG A 1352 9.55 14.44 15.46
C ARG A 1352 8.90 13.09 15.74
N THR A 1353 7.56 13.06 15.83
CA THR A 1353 6.87 11.80 16.01
C THR A 1353 7.10 10.87 14.83
N LEU A 1354 7.13 11.43 13.61
CA LEU A 1354 7.41 10.61 12.44
C LEU A 1354 8.80 9.98 12.54
N PHE A 1355 9.78 10.76 12.99
CA PHE A 1355 11.14 10.23 13.16
C PHE A 1355 11.16 9.13 14.20
N ASN A 1356 10.43 9.31 15.32
CA ASN A 1356 10.39 8.26 16.33
C ASN A 1356 9.79 6.98 15.78
N VAL A 1357 8.69 7.11 15.02
CA VAL A 1357 8.07 5.93 14.42
C VAL A 1357 9.04 5.26 13.45
N SER A 1358 9.76 6.04 12.65
CA SER A 1358 10.72 5.48 11.72
C SER A 1358 11.83 4.74 12.46
N PHE A 1359 12.30 5.30 13.58
CA PHE A 1359 13.34 4.66 14.37
C PHE A 1359 12.86 3.34 14.95
N LEU A 1360 11.63 3.31 15.46
CA LEU A 1360 11.05 2.06 15.96
C LEU A 1360 10.95 1.03 14.84
N LEU A 1361 10.52 1.46 13.65
CA LEU A 1361 10.46 0.55 12.52
C LEU A 1361 11.84 0.01 12.18
N PHE A 1362 12.86 0.87 12.22
CA PHE A 1362 14.23 0.43 11.93
C PHE A 1362 14.70 -0.60 12.95
N VAL A 1363 14.38 -0.41 14.22
CA VAL A 1363 14.78 -1.40 15.23
C VAL A 1363 14.11 -2.74 14.95
N ILE A 1364 12.82 -2.72 14.64
CA ILE A 1364 12.13 -3.97 14.32
C ILE A 1364 12.76 -4.63 13.10
N MET A 1365 13.06 -3.84 12.07
CA MET A 1365 13.69 -4.40 10.87
C MET A 1365 15.06 -4.99 11.18
N PHE A 1366 15.83 -4.35 12.07
CA PHE A 1366 17.13 -4.90 12.45
C PHE A 1366 16.97 -6.26 13.13
N VAL A 1367 16.02 -6.37 14.06
CA VAL A 1367 15.80 -7.64 14.74
C VAL A 1367 15.41 -8.71 13.74
N TYR A 1368 14.45 -8.40 12.87
CA TYR A 1368 14.01 -9.37 11.88
C TYR A 1368 15.12 -9.70 10.90
N ALA A 1369 16.01 -8.75 10.61
CA ALA A 1369 17.12 -9.01 9.70
C ALA A 1369 18.08 -10.01 10.30
N VAL A 1370 18.44 -9.83 11.57
CA VAL A 1370 19.35 -10.80 12.20
C VAL A 1370 18.68 -12.18 12.26
N PHE A 1371 17.42 -12.24 12.66
CA PHE A 1371 16.77 -13.55 12.77
C PHE A 1371 16.63 -14.23 11.41
N GLY A 1372 16.28 -13.47 10.36
CA GLY A 1372 16.18 -14.04 9.04
C GLY A 1372 17.52 -14.49 8.51
N MET A 1373 18.56 -13.67 8.69
CA MET A 1373 19.90 -14.06 8.32
C MET A 1373 20.32 -15.33 9.04
N GLU A 1374 19.79 -15.57 10.24
CA GLU A 1374 20.08 -16.84 10.90
C GLU A 1374 19.28 -17.99 10.30
N PHE A 1375 18.03 -17.73 9.89
CA PHE A 1375 17.16 -18.82 9.46
C PHE A 1375 17.39 -19.21 8.00
N PHE A 1376 17.42 -18.23 7.10
CA PHE A 1376 17.35 -18.52 5.66
C PHE A 1376 18.56 -18.01 4.92
N MET A 1377 19.76 -18.27 5.44
CA MET A 1377 20.99 -17.82 4.80
C MET A 1377 21.52 -18.78 3.75
N HIS A 1378 21.09 -20.05 3.77
CA HIS A 1378 21.65 -21.05 2.87
C HIS A 1378 20.62 -21.62 1.90
N ILE A 1379 19.40 -21.07 1.85
CA ILE A 1379 18.37 -21.64 1.00
C ILE A 1379 18.79 -21.54 -0.47
N ARG A 1380 18.33 -22.51 -1.27
CA ARG A 1380 18.65 -22.48 -2.69
C ARG A 1380 17.88 -21.36 -3.38
N ASP A 1381 18.51 -20.78 -4.40
CA ASP A 1381 17.93 -19.66 -5.15
C ASP A 1381 16.64 -20.06 -5.86
N ALA A 1382 15.53 -19.47 -5.44
CA ALA A 1382 14.23 -19.72 -6.06
C ALA A 1382 13.32 -18.54 -5.75
N GLY A 1383 12.28 -18.41 -6.57
CA GLY A 1383 11.33 -17.33 -6.37
C GLY A 1383 12.01 -15.97 -6.44
N ALA A 1384 11.75 -15.14 -5.43
CA ALA A 1384 12.32 -13.81 -5.37
C ALA A 1384 13.74 -13.78 -4.80
N ILE A 1385 14.23 -14.91 -4.28
CA ILE A 1385 15.57 -14.98 -3.72
C ILE A 1385 16.54 -15.41 -4.81
N ASP A 1386 17.60 -14.65 -5.00
CA ASP A 1386 18.58 -14.93 -6.04
C ASP A 1386 19.96 -14.47 -5.53
N ASP A 1387 20.91 -14.36 -6.45
CA ASP A 1387 22.27 -13.97 -6.05
C ASP A 1387 22.30 -12.57 -5.44
N VAL A 1388 21.55 -11.63 -6.02
CA VAL A 1388 21.62 -10.25 -5.56
C VAL A 1388 20.80 -10.05 -4.29
N TYR A 1389 19.60 -10.63 -4.24
CA TYR A 1389 18.67 -10.43 -3.13
C TYR A 1389 18.51 -11.74 -2.36
N ASN A 1390 18.92 -11.74 -1.11
CA ASN A 1390 18.90 -12.93 -0.27
C ASN A 1390 19.18 -12.49 1.17
N PHE A 1391 19.32 -13.46 2.08
CA PHE A 1391 19.60 -13.21 3.47
C PHE A 1391 21.05 -13.52 3.84
N LYS A 1392 21.97 -13.39 2.88
CA LYS A 1392 23.36 -13.77 3.11
C LYS A 1392 24.12 -12.75 3.94
N THR A 1393 23.78 -11.46 3.82
CA THR A 1393 24.46 -10.40 4.54
C THR A 1393 23.44 -9.48 5.17
N PHE A 1394 23.92 -8.63 6.09
CA PHE A 1394 23.04 -7.69 6.77
C PHE A 1394 22.43 -6.69 5.79
N GLY A 1395 23.23 -6.20 4.84
CA GLY A 1395 22.71 -5.23 3.89
C GLY A 1395 21.62 -5.80 3.01
N GLN A 1396 21.84 -7.00 2.47
CA GLN A 1396 20.83 -7.62 1.62
C GLN A 1396 19.58 -7.97 2.41
N SER A 1397 19.74 -8.43 3.65
CA SER A 1397 18.59 -8.71 4.49
C SER A 1397 17.80 -7.45 4.76
N ILE A 1398 18.49 -6.33 5.02
CA ILE A 1398 17.80 -5.07 5.26
C ILE A 1398 17.07 -4.61 4.00
N ILE A 1399 17.70 -4.81 2.84
CA ILE A 1399 17.03 -4.47 1.58
C ILE A 1399 15.73 -5.27 1.43
N LEU A 1400 15.81 -6.57 1.66
CA LEU A 1400 14.63 -7.42 1.52
C LEU A 1400 13.55 -7.03 2.52
N LEU A 1401 13.94 -6.72 3.76
CA LEU A 1401 12.95 -6.37 4.77
C LEU A 1401 12.33 -5.01 4.50
N PHE A 1402 13.11 -4.06 3.98
CA PHE A 1402 12.54 -2.78 3.58
C PHE A 1402 11.52 -2.98 2.46
N GLN A 1403 11.84 -3.84 1.50
CA GLN A 1403 10.87 -4.15 0.45
C GLN A 1403 9.61 -4.77 1.04
N LEU A 1404 9.77 -5.71 1.99
CA LEU A 1404 8.64 -6.44 2.54
C LEU A 1404 7.81 -5.61 3.51
N ALA A 1405 8.36 -4.51 4.05
CA ALA A 1405 7.63 -3.72 5.01
C ALA A 1405 6.32 -3.17 4.43
N THR A 1406 6.22 -3.08 3.11
CA THR A 1406 4.98 -2.71 2.44
C THR A 1406 4.20 -3.92 1.94
N SER A 1407 4.66 -5.14 2.27
CA SER A 1407 4.07 -6.39 1.80
C SER A 1407 4.31 -6.63 0.32
N ALA A 1408 5.20 -5.87 -0.31
CA ALA A 1408 5.44 -5.99 -1.74
C ALA A 1408 6.25 -7.24 -2.04
N GLY A 1409 5.69 -8.14 -2.84
CA GLY A 1409 6.42 -9.31 -3.27
C GLY A 1409 6.69 -10.34 -2.19
N TRP A 1410 5.88 -10.36 -1.13
CA TRP A 1410 6.11 -11.34 -0.07
C TRP A 1410 5.74 -12.75 -0.50
N ASP A 1411 4.91 -12.90 -1.54
CA ASP A 1411 4.59 -14.24 -2.03
C ASP A 1411 5.83 -14.94 -2.58
N GLY A 1412 6.65 -14.22 -3.34
CA GLY A 1412 7.88 -14.83 -3.86
C GLY A 1412 8.85 -15.19 -2.76
N VAL A 1413 8.98 -14.32 -1.75
CA VAL A 1413 9.86 -14.63 -0.62
C VAL A 1413 9.35 -15.87 0.12
N TYR A 1414 8.04 -15.95 0.32
CA TYR A 1414 7.47 -17.13 0.97
C TYR A 1414 7.77 -18.39 0.16
N PHE A 1415 7.59 -18.32 -1.16
CA PHE A 1415 7.87 -19.48 -1.99
C PHE A 1415 9.33 -19.88 -1.91
N ALA A 1416 10.23 -18.90 -1.83
CA ALA A 1416 11.66 -19.20 -1.75
C ALA A 1416 12.02 -19.84 -0.42
N ILE A 1417 11.53 -19.29 0.68
CA ILE A 1417 11.98 -19.72 2.00
C ILE A 1417 11.20 -20.91 2.54
N ALA A 1418 9.98 -21.13 2.05
CA ALA A 1418 9.13 -22.20 2.54
C ALA A 1418 9.28 -23.50 1.76
N ASN A 1419 10.16 -23.53 0.76
CA ASN A 1419 10.34 -24.72 -0.05
C ASN A 1419 10.96 -25.85 0.78
N GLU A 1420 10.47 -27.07 0.56
CA GLU A 1420 11.03 -28.23 1.25
C GLU A 1420 11.19 -29.43 0.32
N GLU A 1421 11.12 -29.22 -0.99
CA GLU A 1421 11.24 -30.28 -1.98
C GLU A 1421 12.52 -30.12 -2.79
N ASP A 1422 13.12 -31.25 -3.16
CA ASP A 1422 14.37 -31.26 -3.91
C ASP A 1422 15.45 -30.47 -3.18
N CYS A 1423 15.51 -30.63 -1.86
CA CYS A 1423 16.46 -29.93 -1.02
C CYS A 1423 17.29 -30.97 -0.27
N ARG A 1424 18.61 -30.83 -0.35
CA ARG A 1424 19.51 -31.79 0.27
C ARG A 1424 19.70 -31.44 1.74
N ALA A 1425 19.56 -32.45 2.60
CA ALA A 1425 19.62 -32.21 4.03
C ALA A 1425 21.05 -31.86 4.44
N PRO A 1426 21.22 -31.14 5.54
CA PRO A 1426 22.57 -30.78 5.99
C PRO A 1426 23.35 -32.00 6.45
N ASP A 1427 24.67 -31.90 6.32
CA ASP A 1427 25.61 -32.95 6.73
C ASP A 1427 26.52 -32.36 7.81
N HIS A 1428 26.20 -32.66 9.08
CA HIS A 1428 26.97 -32.11 10.18
C HIS A 1428 28.42 -32.61 10.14
N GLU A 1429 28.62 -33.89 9.85
CA GLU A 1429 29.97 -34.45 9.84
C GLU A 1429 30.83 -33.78 8.79
N LEU A 1430 30.30 -33.55 7.59
CA LEU A 1430 31.05 -32.92 6.52
C LEU A 1430 31.04 -31.39 6.62
N GLY A 1431 30.25 -30.82 7.52
CA GLY A 1431 30.18 -29.39 7.70
C GLY A 1431 29.30 -28.65 6.72
N TYR A 1432 28.60 -29.36 5.84
CA TYR A 1432 27.72 -28.70 4.89
C TYR A 1432 26.51 -28.14 5.62
N PRO A 1433 26.21 -26.84 5.50
CA PRO A 1433 25.15 -26.26 6.33
C PRO A 1433 23.74 -26.62 5.89
N GLY A 1434 23.57 -27.19 4.71
CA GLY A 1434 22.26 -27.45 4.17
C GLY A 1434 21.77 -26.30 3.30
N ASN A 1435 20.76 -26.60 2.48
CA ASN A 1435 20.17 -25.59 1.60
C ASN A 1435 18.65 -25.68 1.56
N CYS A 1436 18.04 -26.29 2.57
CA CYS A 1436 16.62 -26.62 2.52
C CYS A 1436 15.86 -25.67 3.42
N GLY A 1437 14.65 -25.33 3.00
CA GLY A 1437 13.83 -24.37 3.70
C GLY A 1437 13.00 -25.02 4.80
N SER A 1438 12.11 -24.22 5.38
CA SER A 1438 11.23 -24.69 6.43
C SER A 1438 9.90 -23.97 6.23
N ARG A 1439 8.86 -24.74 5.96
CA ARG A 1439 7.56 -24.16 5.67
C ARG A 1439 6.97 -23.47 6.90
N ALA A 1440 6.96 -24.16 8.04
CA ALA A 1440 6.36 -23.60 9.25
C ALA A 1440 7.11 -22.38 9.71
N LEU A 1441 8.45 -22.45 9.73
CA LEU A 1441 9.25 -21.33 10.17
C LEU A 1441 9.06 -20.13 9.26
N GLY A 1442 9.04 -20.36 7.95
CA GLY A 1442 8.81 -19.27 7.01
C GLY A 1442 7.44 -18.65 7.17
N ILE A 1443 6.41 -19.49 7.38
CA ILE A 1443 5.06 -18.97 7.59
C ILE A 1443 5.04 -18.07 8.82
N ALA A 1444 5.59 -18.57 9.94
CA ALA A 1444 5.59 -17.76 11.16
C ALA A 1444 6.34 -16.46 10.94
N TYR A 1445 7.55 -16.53 10.40
CA TYR A 1445 8.36 -15.35 10.14
C TYR A 1445 7.57 -14.31 9.34
N LEU A 1446 7.11 -14.70 8.15
CA LEU A 1446 6.49 -13.74 7.24
C LEU A 1446 5.17 -13.21 7.79
N VAL A 1447 4.34 -14.09 8.36
CA VAL A 1447 3.04 -13.63 8.87
C VAL A 1447 3.24 -12.65 10.03
N SER A 1448 4.15 -12.98 10.95
CA SER A 1448 4.41 -12.08 12.06
C SER A 1448 4.94 -10.74 11.58
N TYR A 1449 5.87 -10.76 10.61
CA TYR A 1449 6.39 -9.51 10.08
C TYR A 1449 5.30 -8.68 9.42
N LEU A 1450 4.44 -9.33 8.63
CA LEU A 1450 3.36 -8.60 7.96
C LEU A 1450 2.41 -7.98 8.98
N ILE A 1451 2.07 -8.72 10.03
CA ILE A 1451 1.16 -8.19 11.04
C ILE A 1451 1.81 -7.03 11.78
N ILE A 1452 3.08 -7.17 12.17
CA ILE A 1452 3.71 -6.16 13.00
C ILE A 1452 3.96 -4.87 12.20
N THR A 1453 4.43 -4.99 10.96
CA THR A 1453 4.85 -3.81 10.22
C THR A 1453 3.72 -3.25 9.36
N CYS A 1454 3.18 -4.05 8.44
CA CYS A 1454 2.22 -3.54 7.47
C CYS A 1454 0.96 -3.03 8.14
N LEU A 1455 0.42 -3.78 9.09
CA LEU A 1455 -0.90 -3.50 9.63
C LEU A 1455 -0.88 -2.65 10.89
N VAL A 1456 0.27 -2.47 11.53
CA VAL A 1456 0.33 -1.75 12.80
C VAL A 1456 1.29 -0.57 12.72
N VAL A 1457 2.57 -0.86 12.48
CA VAL A 1457 3.59 0.18 12.60
C VAL A 1457 3.44 1.21 11.48
N ILE A 1458 3.20 0.75 10.26
CA ILE A 1458 3.07 1.69 9.14
C ILE A 1458 1.85 2.60 9.36
N ASN A 1459 0.72 2.01 9.73
CA ASN A 1459 -0.50 2.79 9.91
C ASN A 1459 -0.29 3.92 10.91
N MET A 1460 0.60 3.73 11.88
CA MET A 1460 0.86 4.79 12.85
C MET A 1460 1.12 6.11 12.14
N TYR A 1461 1.97 6.09 11.11
CA TYR A 1461 2.22 7.30 10.33
C TYR A 1461 0.92 8.02 10.06
N ALA A 1462 0.01 7.36 9.35
CA ALA A 1462 -1.29 7.96 9.03
C ALA A 1462 -1.86 8.65 10.26
N ALA A 1463 -2.08 7.88 11.33
CA ALA A 1463 -2.64 8.43 12.54
C ALA A 1463 -1.97 9.76 12.87
N VAL A 1464 -0.66 9.72 13.11
CA VAL A 1464 0.07 10.94 13.47
C VAL A 1464 -0.30 12.04 12.49
N ILE A 1465 -0.03 11.82 11.20
CA ILE A 1465 -0.30 12.84 10.20
C ILE A 1465 -1.69 13.40 10.41
N LEU A 1466 -2.70 12.53 10.36
CA LEU A 1466 -4.08 12.99 10.44
C LEU A 1466 -4.24 13.95 11.60
N ASP A 1467 -3.87 13.50 12.81
CA ASP A 1467 -4.04 14.35 13.98
C ASP A 1467 -3.49 15.74 13.71
N TYR A 1468 -2.19 15.82 13.43
CA TYR A 1468 -1.58 17.12 13.23
C TYR A 1468 -2.30 17.89 12.14
N VAL A 1469 -2.55 17.23 11.01
CA VAL A 1469 -3.22 17.90 9.91
C VAL A 1469 -4.53 18.50 10.39
N LEU A 1470 -5.36 17.67 11.05
CA LEU A 1470 -6.63 18.17 11.53
C LEU A 1470 -6.42 19.45 12.32
N GLU A 1471 -5.48 19.40 13.27
CA GLU A 1471 -5.27 20.54 14.16
C GLU A 1471 -5.07 21.80 13.34
N VAL A 1472 -4.13 21.79 12.39
CA VAL A 1472 -3.82 23.04 11.72
C VAL A 1472 -5.07 23.62 11.07
N TYR A 1473 -5.87 22.77 10.43
CA TYR A 1473 -7.05 23.29 9.76
C TYR A 1473 -8.04 23.87 10.77
N GLU A 1474 -8.27 23.20 11.90
CA GLU A 1474 -9.20 23.78 12.84
C GLU A 1474 -8.63 25.04 13.47
N ASP A 1475 -7.31 25.25 13.39
CA ASP A 1475 -6.74 26.54 13.77
C ASP A 1475 -6.96 27.58 12.68
N SER A 1476 -6.91 27.16 11.41
CA SER A 1476 -7.05 28.10 10.30
C SER A 1476 -8.48 28.51 10.05
N LYS A 1477 -9.44 27.61 10.30
CA LYS A 1477 -10.84 27.84 9.95
C LYS A 1477 -11.67 28.30 11.15
N GLU A 1478 -11.58 27.58 12.27
CA GLU A 1478 -12.40 27.87 13.44
C GLU A 1478 -11.63 28.63 14.51
N GLY A 1479 -10.43 29.12 14.20
CA GLY A 1479 -9.63 29.83 15.17
C GLY A 1479 -8.63 30.75 14.49
N LEU A 1480 -7.52 31.00 15.19
CA LEU A 1480 -6.48 31.89 14.72
C LEU A 1480 -5.19 31.10 14.48
N THR A 1481 -4.43 31.55 13.48
CA THR A 1481 -3.15 30.95 13.13
C THR A 1481 -2.04 31.98 13.28
N ASP A 1482 -0.80 31.49 13.26
CA ASP A 1482 0.35 32.39 13.37
C ASP A 1482 0.34 33.45 12.29
N ASP A 1483 -0.18 33.14 11.10
CA ASP A 1483 -0.26 34.13 10.04
C ASP A 1483 -1.15 35.29 10.43
N ASP A 1484 -2.23 35.02 11.18
CA ASP A 1484 -3.10 36.09 11.66
C ASP A 1484 -2.34 37.06 12.55
N TYR A 1485 -1.55 36.53 13.48
CA TYR A 1485 -0.76 37.38 14.37
C TYR A 1485 0.31 38.14 13.59
N ASP A 1486 0.93 37.49 12.59
CA ASP A 1486 1.90 38.18 11.76
C ASP A 1486 1.24 39.35 11.03
N MET A 1487 0.04 39.13 10.48
CA MET A 1487 -0.66 40.22 9.81
C MET A 1487 -1.00 41.33 10.79
N PHE A 1488 -1.43 40.96 12.00
CA PHE A 1488 -1.76 41.98 12.99
C PHE A 1488 -0.55 42.83 13.34
N PHE A 1489 0.60 42.20 13.53
CA PHE A 1489 1.82 42.93 13.88
C PHE A 1489 2.46 43.63 12.70
N GLU A 1490 2.06 43.28 11.48
CA GLU A 1490 2.55 44.03 10.31
C GLU A 1490 2.16 45.48 10.38
N VAL A 1491 0.90 45.76 10.74
CA VAL A 1491 0.44 47.14 10.90
C VAL A 1491 0.95 47.77 12.18
N TRP A 1492 1.28 46.98 13.19
CA TRP A 1492 1.78 47.51 14.45
C TRP A 1492 3.17 48.11 14.27
C1 NAG B . 32.69 -0.51 -16.98
C2 NAG B . 32.97 -1.54 -18.06
C3 NAG B . 32.67 -0.95 -19.44
C4 NAG B . 31.27 -0.36 -19.48
C5 NAG B . 31.05 0.60 -18.31
C6 NAG B . 29.62 1.09 -18.21
C7 NAG B . 34.71 -3.29 -18.08
C8 NAG B . 33.61 -4.30 -18.28
N2 NAG B . 34.33 -2.01 -17.99
O3 NAG B . 32.77 -1.99 -20.41
O4 NAG B . 31.08 0.34 -20.70
O5 NAG B . 31.35 -0.07 -17.08
O6 NAG B . 28.81 0.17 -17.50
O7 NAG B . 35.89 -3.63 -18.01
C1 NAG B . 33.96 -1.89 -21.23
C2 NAG B . 33.79 -0.75 -22.23
C3 NAG B . 35.03 -0.66 -23.12
C4 NAG B . 36.28 -0.49 -22.25
C5 NAG B . 36.35 -1.63 -21.22
C6 NAG B . 37.50 -1.46 -20.25
C7 NAG B . 32.03 0.08 -23.71
C8 NAG B . 30.79 -0.27 -24.50
N2 NAG B . 32.60 -0.93 -23.05
O3 NAG B . 34.86 0.46 -23.99
O4 NAG B . 37.44 -0.53 -23.06
O5 NAG B . 35.16 -1.67 -20.44
O6 NAG B . 37.93 -2.71 -19.75
O7 NAG B . 32.47 1.22 -23.68
C1 BMA B . 35.68 0.51 -25.19
C2 BMA B . 35.96 -0.89 -25.81
C3 BMA B . 36.62 -0.73 -27.18
C4 BMA B . 35.76 0.16 -28.08
C5 BMA B . 35.61 1.52 -27.40
C6 BMA B . 34.77 2.49 -28.20
O2 BMA B . 34.77 -1.62 -26.01
O3 BMA B . 36.86 -1.98 -27.80
O4 BMA B . 36.36 0.31 -29.34
O5 BMA B . 34.97 1.33 -26.14
O6 BMA B . 35.29 2.58 -29.51
C1 BMA B . 38.22 -2.37 -27.45
C2 BMA B . 38.28 -3.90 -27.30
C3 BMA B . 39.72 -4.35 -27.07
C4 BMA B . 40.67 -3.72 -28.09
C5 BMA B . 40.50 -2.20 -28.13
C6 BMA B . 41.37 -1.52 -29.18
O2 BMA B . 37.84 -4.55 -28.49
O3 BMA B . 39.85 -5.76 -27.08
O4 BMA B . 42.02 -4.04 -27.78
O5 BMA B . 39.13 -1.91 -28.44
O6 BMA B . 42.50 -2.35 -29.42
C1 BMA B . 34.75 3.77 -30.12
C2 BMA B . 35.86 4.84 -30.16
C3 BMA B . 35.39 6.07 -30.94
C4 BMA B . 34.77 5.67 -32.29
C5 BMA B . 33.66 4.63 -32.07
C6 BMA B . 33.01 4.16 -33.35
O2 BMA B . 37.01 4.35 -30.84
O3 BMA B . 36.45 7.00 -31.16
O4 BMA B . 34.22 6.81 -32.93
O5 BMA B . 34.26 3.50 -31.42
O6 BMA B . 32.48 5.29 -34.02
C1 NAG C . -10.66 -43.12 -14.04
C2 NAG C . -11.86 -43.90 -14.58
C3 NAG C . -12.13 -45.11 -13.71
C4 NAG C . -10.88 -45.96 -13.54
C5 NAG C . -9.72 -45.10 -13.05
C6 NAG C . -8.41 -45.84 -12.99
C7 NAG C . -13.22 -42.14 -15.64
C8 NAG C . -12.13 -42.02 -16.66
N2 NAG C . -13.03 -43.06 -14.68
O3 NAG C . -13.18 -45.89 -14.28
O4 NAG C . -11.11 -47.01 -12.61
O5 NAG C . -9.52 -44.00 -13.94
O6 NAG C . -8.54 -47.06 -12.28
O7 NAG C . -14.23 -41.45 -15.68
C1 NAG D . 6.79 -44.34 -22.68
C2 NAG D . 6.73 -45.66 -21.92
C3 NAG D . 5.97 -46.69 -22.75
C4 NAG D . 4.60 -46.15 -23.15
C5 NAG D . 4.75 -44.80 -23.84
C6 NAG D . 3.42 -44.15 -24.15
C7 NAG D . 8.42 -46.52 -20.37
C8 NAG D . 9.84 -46.99 -20.21
N2 NAG D . 8.06 -46.14 -21.59
O3 NAG D . 5.81 -47.88 -21.98
O4 NAG D . 3.96 -47.07 -24.04
O5 NAG D . 5.48 -43.89 -23.00
O6 NAG D . 3.57 -43.13 -25.13
O7 NAG D . 7.65 -46.48 -19.42
C1 NAG E . 23.33 -11.84 -35.45
C2 NAG E . 22.81 -11.34 -36.79
C3 NAG E . 22.07 -12.47 -37.52
C4 NAG E . 22.96 -13.69 -37.62
C5 NAG E . 23.46 -14.09 -36.24
C6 NAG E . 24.44 -15.25 -36.28
C7 NAG E . 21.79 -9.24 -37.55
C8 NAG E . 20.85 -8.13 -37.21
N2 NAG E . 21.93 -10.19 -36.62
O3 NAG E . 21.70 -12.03 -38.82
O4 NAG E . 22.22 -14.78 -38.19
O5 NAG E . 24.15 -13.00 -35.64
O6 NAG E . 25.43 -15.06 -37.29
O7 NAG E . 22.39 -9.28 -38.62
C1 NAG F . 26.48 -6.74 -39.02
C2 NAG F . 25.26 -5.84 -38.86
C3 NAG F . 24.24 -6.11 -39.99
C4 NAG F . 24.92 -5.99 -41.35
C5 NAG F . 26.15 -6.89 -41.40
C6 NAG F . 26.94 -6.73 -42.69
C7 NAG F . 24.06 -5.04 -36.87
C8 NAG F . 24.10 -3.69 -37.52
N2 NAG F . 24.63 -6.03 -37.57
O3 NAG F . 23.17 -5.18 -39.89
O4 NAG F . 24.01 -6.38 -42.37
O5 NAG F . 27.05 -6.55 -40.33
O6 NAG F . 28.08 -7.57 -42.70
O7 NAG F . 23.55 -5.23 -35.78
C1 NAG G . 11.37 -28.12 -23.10
C2 NAG G . 10.76 -28.24 -24.49
C3 NAG G . 11.75 -28.88 -25.46
C4 NAG G . 13.07 -28.14 -25.44
C5 NAG G . 13.60 -28.02 -24.00
C6 NAG G . 14.85 -27.19 -23.90
C7 NAG G . 9.46 -30.28 -24.07
C8 NAG G . 8.09 -30.91 -24.09
N2 NAG G . 9.52 -29.00 -24.44
O3 NAG G . 11.21 -28.88 -26.77
O4 NAG G . 14.04 -28.84 -26.23
O5 NAG G . 12.61 -27.38 -23.18
O6 NAG G . 15.00 -26.63 -22.60
O7 NAG G . 10.46 -30.91 -23.75
C14 X7W H . 28.29 21.67 -14.39
C11 X7W H . 26.42 23.62 -13.97
C10 X7W H . 27.60 23.95 -14.61
C12 X7W H . 26.17 22.33 -13.56
C13 X7W H . 27.12 21.36 -13.76
C01 X7W H . 29.62 24.58 -18.36
C02 X7W H . 31.89 24.60 -18.98
C03 X7W H . 31.39 24.80 -16.62
C04 X7W H . 31.74 26.29 -16.64
C05 X7W H . 32.47 26.59 -15.34
C06 X7W H . 31.54 26.38 -14.15
C07 X7W H . 30.90 25.00 -14.15
C08 X7W H . 30.33 24.63 -15.53
C09 X7W H . 28.59 22.96 -14.84
C15 X7W H . 25.03 22.75 -10.13
C16 X7W H . 25.07 23.22 -7.91
C17 X7W H . 26.40 21.50 -8.71
C18 X7W H . 25.93 21.75 -10.00
C19 X7W H . 33.04 28.04 -15.33
C20 X7W H . 32.26 29.13 -15.04
C21 X7W H . 32.81 30.40 -15.05
C22 X7W H . 34.15 30.57 -15.35
C23 X7W H . 34.94 29.47 -15.63
C24 X7W H . 34.38 28.20 -15.62
C25 X7W H . 31.96 31.62 -14.74
F01 X7W H . 25.47 24.58 -13.75
F02 X7W H . 30.63 31.26 -14.70
F03 X7W H . 32.32 32.13 -13.53
F04 X7W H . 32.13 32.57 -15.70
N01 X7W H . 30.96 24.25 -17.91
N02 X7W H . 29.84 23.27 -15.50
N03 X7W H . 24.50 23.06 -11.44
N04 X7W H . 24.63 23.44 -9.12
N05 X7W H . 25.97 22.24 -7.67
O01 X7W H . 24.62 20.39 -12.16
O02 X7W H . 23.36 22.15 -13.77
S01 X7W H . 24.62 21.94 -12.72
CL01 X7W H . 29.50 20.39 -14.65
C24 PEE I . -6.52 -9.46 10.26
C23 PEE I . -6.31 -10.88 10.62
C22 PEE I . -6.40 -11.86 9.49
C21 PEE I . -5.11 -12.59 9.15
C20 PEE I . -4.87 -13.82 9.95
C19 PEE I . -3.54 -14.46 9.74
C18 PEE I . -3.47 -15.49 8.66
C17 PEE I . -2.53 -16.60 9.02
C16 PEE I . -1.99 -17.36 7.86
C15 PEE I . -1.18 -18.59 8.25
C14 PEE I . -1.97 -19.84 8.45
C13 PEE I . -1.19 -21.13 8.64
C12 PEE I . -1.01 -22.06 7.46
C11 PEE I . -0.85 -23.46 7.94
C10 PEE I . -0.63 -24.54 6.90
O4 PEE I . -0.34 -24.34 5.74
O2 PEE I . -0.81 -25.72 7.54
C2 PEE I . -0.09 -26.97 7.21
C1 PEE I . -0.43 -27.57 5.85
O3P PEE I . 0.50 -28.67 5.45
P PEE I . 0.61 -29.12 3.89
O2P PEE I . 0.32 -27.94 3.01
O1P PEE I . 1.92 -29.85 3.65
O4P PEE I . -0.47 -30.23 3.46
C4 PEE I . -0.49 -30.61 2.06
C5 PEE I . -1.19 -29.55 1.25
N PEE I . -1.45 -29.94 -0.14
C3 PEE I . 1.39 -26.77 7.46
O3 PEE I . 1.63 -26.42 8.85
C30 PEE I . 2.73 -25.75 9.19
O5 PEE I . 3.73 -25.74 8.51
C31 PEE I . 2.54 -25.00 10.51
C32 PEE I . 2.64 -23.50 10.44
C33 PEE I . 2.43 -22.77 11.76
C34 PEE I . 3.46 -21.73 12.12
C35 PEE I . 3.10 -20.68 13.14
C36 PEE I . 2.44 -19.43 12.62
C37 PEE I . 2.37 -18.31 13.61
C38 PEE I . 2.05 -16.97 13.05
C39 PEE I . 2.56 -15.83 13.87
C40 PEE I . 1.62 -14.67 13.96
C41 PEE I . 2.14 -13.62 14.85
C20 PEE J . -2.06 13.55 -10.97
C19 PEE J . -0.62 13.33 -11.22
C18 PEE J . -0.27 12.83 -12.58
C17 PEE J . 0.60 11.61 -12.53
C16 PEE J . 0.67 10.84 -13.81
C15 PEE J . 1.42 11.56 -14.90
C14 PEE J . 2.35 10.70 -15.71
C13 PEE J . 2.96 11.36 -16.93
C12 PEE J . 3.26 10.45 -18.10
C11 PEE J . 4.24 11.04 -19.04
C10 PEE J . 4.99 10.06 -19.93
O4 PEE J . 5.51 9.05 -19.56
O2 PEE J . 4.94 10.60 -21.16
C2 PEE J . 6.06 11.28 -21.84
C1 PEE J . 6.76 10.56 -22.98
O3P PEE J . 7.78 11.46 -23.61
P PEE J . 8.72 11.03 -24.87
O2P PEE J . 8.63 12.00 -26.01
O1P PEE J . 10.07 10.55 -24.40
O4P PEE J . 8.11 9.67 -25.44
C4 PEE J . 8.64 9.15 -26.68
C5 PEE J . 9.82 8.26 -26.35
N PEE J . 9.53 6.86 -26.67
C3 PEE J . 5.63 12.71 -22.19
O3 PEE J . 4.31 12.69 -22.80
C30 PEE J . 4.19 12.37 -24.08
O5 PEE J . 5.15 12.30 -24.83
C31 PEE J . 2.74 12.09 -24.48
C32 PEE J . 1.83 11.75 -23.33
C33 PEE J . 1.26 12.96 -22.61
C34 PEE J . 1.13 12.84 -21.11
C35 PEE J . -0.20 13.28 -20.50
C36 PEE J . -0.33 13.09 -19.01
C37 PEE J . -1.71 13.36 -18.48
C38 PEE J . -1.98 12.83 -17.13
C39 PEE J . -2.81 13.71 -16.26
C40 PEE J . -4.26 13.38 -16.30
C41 PEE J . -4.72 12.60 -15.12
C42 PEE J . -5.69 13.33 -14.26
C43 PEE J . -5.98 12.65 -12.95
C44 PEE J . -7.20 13.17 -12.24
CAA Y01 K . 15.50 7.39 10.74
CBA Y01 K . 16.58 6.33 10.85
CAB Y01 K . 17.46 6.61 12.07
CAN Y01 K . 17.44 6.23 9.58
CAJ Y01 K . 18.39 5.06 9.53
CAO Y01 K . 19.60 5.20 8.64
CBB Y01 K . 19.62 4.33 7.38
CAC Y01 K . 19.36 5.19 6.14
CBE Y01 K . 20.90 3.50 7.28
CAP Y01 K . 21.06 2.54 8.48
CAQ Y01 K . 21.77 1.27 7.99
CBG Y01 K . 22.25 1.65 6.59
CBI Y01 K . 21.12 2.57 6.04
CAE Y01 K . 19.82 1.82 5.75
CAU Y01 K . 21.64 3.24 4.78
CAS Y01 K . 22.08 2.22 3.75
CBF Y01 K . 23.05 1.15 4.31
CBD Y01 K . 22.65 0.53 5.65
CAK Y01 K . 23.84 -0.26 6.19
CAI Y01 K . 24.39 -1.20 5.19
CAZ Y01 K . 24.27 -1.02 3.88
CAV Y01 K . 25.02 -1.87 2.88
CBH Y01 K . 23.36 0.06 3.27
CAD Y01 K . 22.12 -0.67 2.76
CAT Y01 K . 24.05 0.77 2.10
CAR Y01 K . 24.59 -0.20 1.10
CBC Y01 K . 25.62 -1.01 1.78
OAW Y01 K . 26.15 -1.77 0.71
CAY Y01 K . 27.20 -2.47 0.90
OAG Y01 K . 27.30 -3.35 1.70
CAM Y01 K . 28.30 -2.01 0.00
CAL Y01 K . 29.31 -3.08 -0.24
CAX Y01 K . 28.92 -4.00 -1.37
OAH Y01 K . 27.73 -3.99 -1.76
OAF Y01 K . 29.79 -4.72 -1.87
#